data_8VOG
# 
_entry.id   8VOG 
# 
_audit_conform.dict_name       mmcif_pdbx.dic 
_audit_conform.dict_version    5.395 
_audit_conform.dict_location   http://mmcif.pdb.org/dictionaries/ascii/mmcif_pdbx.dic 
# 
loop_
_database_2.database_id 
_database_2.database_code 
_database_2.pdbx_database_accession 
_database_2.pdbx_DOI 
PDB   8VOG         pdb_00008vog 10.2210/pdb8vog/pdb 
WWPDB D_1000280626 ?            ?                   
# 
loop_
_pdbx_audit_revision_history.ordinal 
_pdbx_audit_revision_history.data_content_type 
_pdbx_audit_revision_history.major_revision 
_pdbx_audit_revision_history.minor_revision 
_pdbx_audit_revision_history.revision_date 
1 'Structure model' 1 0 2024-08-07 
2 'Structure model' 1 1 2024-08-14 
3 'Structure model' 1 2 2024-09-04 
# 
_pdbx_audit_revision_details.ordinal             1 
_pdbx_audit_revision_details.revision_ordinal    1 
_pdbx_audit_revision_details.data_content_type   'Structure model' 
_pdbx_audit_revision_details.provider            repository 
_pdbx_audit_revision_details.type                'Initial release' 
_pdbx_audit_revision_details.description         ? 
_pdbx_audit_revision_details.details             ? 
# 
loop_
_pdbx_audit_revision_group.ordinal 
_pdbx_audit_revision_group.revision_ordinal 
_pdbx_audit_revision_group.data_content_type 
_pdbx_audit_revision_group.group 
1 2 'Structure model' 'Database references' 
2 3 'Structure model' 'Database references' 
# 
loop_
_pdbx_audit_revision_category.ordinal 
_pdbx_audit_revision_category.revision_ordinal 
_pdbx_audit_revision_category.data_content_type 
_pdbx_audit_revision_category.category 
1 2 'Structure model' citation        
2 2 'Structure model' citation_author 
3 3 'Structure model' citation        
4 3 'Structure model' citation_author 
# 
loop_
_pdbx_audit_revision_item.ordinal 
_pdbx_audit_revision_item.revision_ordinal 
_pdbx_audit_revision_item.data_content_type 
_pdbx_audit_revision_item.item 
1  2 'Structure model' '_citation.country'                 
2  2 'Structure model' '_citation.journal_abbrev'          
3  2 'Structure model' '_citation.journal_id_ASTM'         
4  2 'Structure model' '_citation.journal_id_CSD'          
5  2 'Structure model' '_citation.journal_id_ISSN'         
6  2 'Structure model' '_citation.pdbx_database_id_DOI'    
7  2 'Structure model' '_citation.pdbx_database_id_PubMed' 
8  2 'Structure model' '_citation.title'                   
9  2 'Structure model' '_citation.year'                    
10 2 'Structure model' '_citation_author.identifier_ORCID' 
11 2 'Structure model' '_citation_author.name'             
12 3 'Structure model' '_citation.journal_volume'          
13 3 'Structure model' '_citation.page_first'              
14 3 'Structure model' '_citation.page_last'               
15 3 'Structure model' '_citation_author.identifier_ORCID' 
# 
_pdbx_database_status.status_code                     REL 
_pdbx_database_status.status_code_sf                  REL 
_pdbx_database_status.status_code_mr                  ? 
_pdbx_database_status.entry_id                        8VOG 
_pdbx_database_status.recvd_initial_deposition_date   2024-01-15 
_pdbx_database_status.SG_entry                        N 
_pdbx_database_status.deposit_site                    RCSB 
_pdbx_database_status.process_site                    RCSB 
_pdbx_database_status.status_code_cs                  ? 
_pdbx_database_status.status_code_nmr_data            ? 
_pdbx_database_status.methods_development_category    ? 
_pdbx_database_status.pdb_format_compatible           Y 
# 
_pdbx_contact_author.id                 2 
_pdbx_contact_author.email              andyn@uic.edu 
_pdbx_contact_author.name_first         Andy 
_pdbx_contact_author.name_last          Nguyen 
_pdbx_contact_author.name_mi            I 
_pdbx_contact_author.role               'principal investigator/group leader' 
_pdbx_contact_author.identifier_ORCID   0000-0003-4137-6453 
# 
_audit_author.name               'Ganatra, P.' 
_audit_author.pdbx_ordinal       1 
_audit_author.identifier_ORCID   0000-0002-5836-6772 
# 
_citation.abstract                  ? 
_citation.abstract_id_CAS           ? 
_citation.book_id_ISBN              ? 
_citation.book_publisher            ? 
_citation.book_publisher_city       ? 
_citation.book_title                ? 
_citation.coordinate_linkage        ? 
_citation.country                   US 
_citation.database_id_Medline       ? 
_citation.details                   ? 
_citation.id                        primary 
_citation.journal_abbrev            J.Am.Chem.Soc. 
_citation.journal_id_ASTM           JACSAT 
_citation.journal_id_CSD            ? 
_citation.journal_id_ISSN           1520-5126 
_citation.journal_full              ? 
_citation.journal_issue             ? 
_citation.journal_volume            146 
_citation.language                  ? 
_citation.page_first                22236 
_citation.page_last                 22246 
_citation.title                     'Diverse Proteomimetic Frameworks via Rational Design of pi-Stacking Peptide Tectons.' 
_citation.year                      2024 
_citation.database_id_CSD           ? 
_citation.pdbx_database_id_DOI      10.1021/jacs.4c03094 
_citation.pdbx_database_id_PubMed   39096501 
_citation.pdbx_database_id_patent   ? 
_citation.unpublished_flag          ? 
# 
loop_
_citation_author.citation_id 
_citation_author.name 
_citation_author.ordinal 
_citation_author.identifier_ORCID 
primary 'Ganatra, P.'  1 ? 
primary 'Wang, D.F.'   2 ? 
primary 'Ganatra, V.'  3 ? 
primary 'Dang, V.T.'   4 ? 
primary 'Nguyen, A.I.' 5 ? 
# 
loop_
_entity.id 
_entity.type 
_entity.src_method 
_entity.pdbx_description 
_entity.formula_weight 
_entity.pdbx_number_of_molecules 
_entity.pdbx_ec 
_entity.pdbx_mutation 
_entity.pdbx_fragment 
_entity.details 
1 polymer     syn UIC-12-BIF   1557.836 2  ? ? ? ? 
2 non-polymer syn ACETONITRILE 41.052   4  ? ? ? ? 
3 water       nat water        18.015   19 ? ? ? ? 
# 
_entity_poly.entity_id                      1 
_entity_poly.type                           'polypeptide(L)' 
_entity_poly.nstd_linkage                   no 
_entity_poly.nstd_monomer                   yes 
_entity_poly.pdbx_seq_one_letter_code       '(Z7Z)(AIB)A(AIB)L(AIB)A(AIB)L(AIB)Q(AIB)L(I77)' 
_entity_poly.pdbx_seq_one_letter_code_can   XAAALAAALAQALX 
_entity_poly.pdbx_strand_id                 A,B 
_entity_poly.pdbx_target_identifier         ? 
# 
loop_
_pdbx_entity_nonpoly.entity_id 
_pdbx_entity_nonpoly.name 
_pdbx_entity_nonpoly.comp_id 
2 ACETONITRILE CCN 
3 water        HOH 
# 
loop_
_entity_poly_seq.entity_id 
_entity_poly_seq.num 
_entity_poly_seq.mon_id 
_entity_poly_seq.hetero 
1 1  Z7Z n 
1 2  AIB n 
1 3  ALA n 
1 4  AIB n 
1 5  LEU n 
1 6  AIB n 
1 7  ALA n 
1 8  AIB n 
1 9  LEU n 
1 10 AIB n 
1 11 GLN n 
1 12 AIB n 
1 13 LEU n 
1 14 I77 n 
# 
_pdbx_entity_src_syn.entity_id              1 
_pdbx_entity_src_syn.pdbx_src_id            1 
_pdbx_entity_src_syn.pdbx_alt_source_flag   sample 
_pdbx_entity_src_syn.pdbx_beg_seq_num       1 
_pdbx_entity_src_syn.pdbx_end_seq_num       14 
_pdbx_entity_src_syn.organism_scientific    'synthetic construct' 
_pdbx_entity_src_syn.organism_common_name   ? 
_pdbx_entity_src_syn.ncbi_taxonomy_id       32630 
_pdbx_entity_src_syn.details                ? 
# 
loop_
_chem_comp.id 
_chem_comp.type 
_chem_comp.mon_nstd_flag 
_chem_comp.name 
_chem_comp.pdbx_synonyms 
_chem_comp.formula 
_chem_comp.formula_weight 
AIB 'L-peptide linking' n 'ALPHA-AMINOISOBUTYRIC ACID'                            ? 'C4 H9 N O2'    103.120 
ALA 'L-peptide linking' y ALANINE                                                 ? 'C3 H7 N O2'    89.093  
CCN non-polymer         . ACETONITRILE                                            ? 'C2 H3 N'       41.052  
GLN 'L-peptide linking' y GLUTAMINE                                               ? 'C5 H10 N2 O3'  146.144 
HOH non-polymer         . WATER                                                   ? 'H2 O'          18.015  
I77 non-polymer         . "5'-(hydrazinecarbonyl)[2,2'-bipyridine]-5-carboxamide" ? 'C12 H11 N5 O2' 257.248 
LEU 'L-peptide linking' y LEUCINE                                                 ? 'C6 H13 N O2'   131.173 
Z7Z non-polymer         . 'biphenyl-4-carboxylic acid'                            ? 'C13 H10 O2'    198.217 
# 
loop_
_pdbx_poly_seq_scheme.asym_id 
_pdbx_poly_seq_scheme.entity_id 
_pdbx_poly_seq_scheme.seq_id 
_pdbx_poly_seq_scheme.mon_id 
_pdbx_poly_seq_scheme.ndb_seq_num 
_pdbx_poly_seq_scheme.pdb_seq_num 
_pdbx_poly_seq_scheme.auth_seq_num 
_pdbx_poly_seq_scheme.pdb_mon_id 
_pdbx_poly_seq_scheme.auth_mon_id 
_pdbx_poly_seq_scheme.pdb_strand_id 
_pdbx_poly_seq_scheme.pdb_ins_code 
_pdbx_poly_seq_scheme.hetero 
A 1 1  Z7Z 1  1  1  Z7Z BIF A . n 
A 1 2  AIB 2  2  2  AIB AIB A . n 
A 1 3  ALA 3  3  3  ALA ALA A . n 
A 1 4  AIB 4  4  4  AIB AIB A . n 
A 1 5  LEU 5  5  5  LEU LEU A . n 
A 1 6  AIB 6  6  6  AIB AIB A . n 
A 1 7  ALA 7  7  7  ALA ALA A . n 
A 1 8  AIB 8  8  8  AIB AIB A . n 
A 1 9  LEU 9  9  9  LEU LEU A . n 
A 1 10 AIB 10 10 10 AIB AIB A . n 
A 1 11 GLN 11 11 11 GLN GLN A . n 
A 1 12 AIB 12 12 12 AIB AIB A . n 
A 1 13 LEU 13 13 13 LEU LEU A . n 
A 1 14 I77 14 14 14 I77 BPH A . n 
B 1 1  Z7Z 1  1  1  Z7Z BIF B . n 
B 1 2  AIB 2  2  2  AIB AIB B . n 
B 1 3  ALA 3  3  3  ALA ALA B . n 
B 1 4  AIB 4  4  4  AIB AIB B . n 
B 1 5  LEU 5  5  5  LEU LEU B . n 
B 1 6  AIB 6  6  6  AIB AIB B . n 
B 1 7  ALA 7  7  7  ALA ALA B . n 
B 1 8  AIB 8  8  8  AIB AIB B . n 
B 1 9  LEU 9  9  9  LEU LEU B . n 
B 1 10 AIB 10 10 10 AIB AIB B . n 
B 1 11 GLN 11 11 11 GLN GLN B . n 
B 1 12 AIB 12 12 12 AIB AIB B . n 
B 1 13 LEU 13 13 13 LEU LEU B . n 
B 1 14 I77 14 14 14 I77 BPH B . n 
# 
loop_
_pdbx_entity_instance_feature.ordinal 
_pdbx_entity_instance_feature.comp_id 
_pdbx_entity_instance_feature.asym_id 
_pdbx_entity_instance_feature.seq_num 
_pdbx_entity_instance_feature.auth_comp_id 
_pdbx_entity_instance_feature.auth_asym_id 
_pdbx_entity_instance_feature.auth_seq_num 
_pdbx_entity_instance_feature.feature_type 
_pdbx_entity_instance_feature.details 
1 Z7Z ? ? Z7Z ? ? 'SUBJECT OF INVESTIGATION' ? 
2 I77 ? ? I77 ? ? 'SUBJECT OF INVESTIGATION' ? 
# 
loop_
_pdbx_nonpoly_scheme.asym_id 
_pdbx_nonpoly_scheme.entity_id 
_pdbx_nonpoly_scheme.mon_id 
_pdbx_nonpoly_scheme.ndb_seq_num 
_pdbx_nonpoly_scheme.pdb_seq_num 
_pdbx_nonpoly_scheme.auth_seq_num 
_pdbx_nonpoly_scheme.pdb_mon_id 
_pdbx_nonpoly_scheme.auth_mon_id 
_pdbx_nonpoly_scheme.pdb_strand_id 
_pdbx_nonpoly_scheme.pdb_ins_code 
C 2 CCN 1  101 22 CCN CCN A . 
D 2 CCN 1  102 23 CCN CCN A . 
E 2 CCN 1  101 20 CCN CCN B . 
F 2 CCN 1  102 21 CCN CCN B . 
G 3 HOH 1  201 18 HOH HOH A . 
G 3 HOH 2  202 7  HOH HOH A . 
G 3 HOH 3  203 4  HOH HOH A . 
G 3 HOH 4  204 13 HOH HOH A . 
G 3 HOH 5  205 11 HOH HOH A . 
G 3 HOH 6  206 5  HOH HOH A . 
G 3 HOH 7  207 9  HOH HOH A . 
G 3 HOH 8  208 19 HOH HOH A . 
G 3 HOH 9  209 16 HOH HOH A . 
H 3 HOH 1  201 6  HOH HOH B . 
H 3 HOH 2  202 8  HOH HOH B . 
H 3 HOH 3  203 2  HOH HOH B . 
H 3 HOH 4  204 14 HOH HOH B . 
H 3 HOH 5  205 15 HOH HOH B . 
H 3 HOH 6  206 12 HOH HOH B . 
H 3 HOH 7  207 1  HOH HOH B . 
H 3 HOH 8  208 10 HOH HOH B . 
H 3 HOH 9  209 3  HOH HOH B . 
H 3 HOH 10 210 17 HOH HOH B . 
# 
loop_
_software.citation_id 
_software.classification 
_software.compiler_name 
_software.compiler_version 
_software.contact_author 
_software.contact_author_email 
_software.date 
_software.description 
_software.dependencies 
_software.hardware 
_software.language 
_software.location 
_software.mods 
_software.name 
_software.os 
_software.os_version 
_software.type 
_software.version 
_software.pdbx_ordinal 
? refinement       ? ? ? ? ? ? ? ? ? ? ? PHENIX ? ? ? 1.20.1_4487 1 
? 'data reduction' ? ? ? ? ? ? ? ? ? ? ? XDS    ? ? ? .           2 
? 'data scaling'   ? ? ? ? ? ? ? ? ? ? ? XDS    ? ? ? .           3 
? phasing          ? ? ? ? ? ? ? ? ? ? ? PHASER ? ? ? .           4 
# 
_cell.angle_alpha                  95.870 
_cell.angle_alpha_esd              ? 
_cell.angle_beta                   97.000 
_cell.angle_beta_esd               ? 
_cell.angle_gamma                  90.090 
_cell.angle_gamma_esd              ? 
_cell.entry_id                     8VOG 
_cell.details                      ? 
_cell.formula_units_Z              ? 
_cell.length_a                     10.240 
_cell.length_a_esd                 ? 
_cell.length_b                     15.760 
_cell.length_b_esd                 ? 
_cell.length_c                     31.197 
_cell.length_c_esd                 ? 
_cell.volume                       4970.415 
_cell.volume_esd                   ? 
_cell.Z_PDB                        2 
_cell.reciprocal_angle_alpha       ? 
_cell.reciprocal_angle_beta        ? 
_cell.reciprocal_angle_gamma       ? 
_cell.reciprocal_angle_alpha_esd   ? 
_cell.reciprocal_angle_beta_esd    ? 
_cell.reciprocal_angle_gamma_esd   ? 
_cell.reciprocal_length_a          ? 
_cell.reciprocal_length_b          ? 
_cell.reciprocal_length_c          ? 
_cell.reciprocal_length_a_esd      ? 
_cell.reciprocal_length_b_esd      ? 
_cell.reciprocal_length_c_esd      ? 
_cell.pdbx_unique_axis             ? 
_cell.pdbx_esd_method              ? 
# 
_symmetry.entry_id                         8VOG 
_symmetry.cell_setting                     ? 
_symmetry.Int_Tables_number                1 
_symmetry.space_group_name_Hall            'P 1' 
_symmetry.space_group_name_H-M             'P 1' 
_symmetry.pdbx_full_space_group_name_H-M   ? 
# 
_exptl.absorpt_coefficient_mu     ? 
_exptl.absorpt_correction_T_max   ? 
_exptl.absorpt_correction_T_min   ? 
_exptl.absorpt_correction_type    ? 
_exptl.absorpt_process_details    ? 
_exptl.entry_id                   8VOG 
_exptl.crystals_number            1 
_exptl.details                    ? 
_exptl.method                     'X-RAY DIFFRACTION' 
_exptl.method_details             ? 
# 
_exptl_crystal.colour                       ? 
_exptl_crystal.density_diffrn               ? 
_exptl_crystal.density_Matthews             1.83 
_exptl_crystal.density_method               ? 
_exptl_crystal.density_percent_sol          32.61 
_exptl_crystal.description                  ? 
_exptl_crystal.F_000                        ? 
_exptl_crystal.id                           1 
_exptl_crystal.preparation                  ? 
_exptl_crystal.size_max                     ? 
_exptl_crystal.size_mid                     ? 
_exptl_crystal.size_min                     ? 
_exptl_crystal.size_rad                     ? 
_exptl_crystal.colour_lustre                ? 
_exptl_crystal.colour_modifier              ? 
_exptl_crystal.colour_primary               ? 
_exptl_crystal.density_meas                 ? 
_exptl_crystal.density_meas_esd             ? 
_exptl_crystal.density_meas_gt              ? 
_exptl_crystal.density_meas_lt              ? 
_exptl_crystal.density_meas_temp            ? 
_exptl_crystal.density_meas_temp_esd        ? 
_exptl_crystal.density_meas_temp_gt         ? 
_exptl_crystal.density_meas_temp_lt         ? 
_exptl_crystal.pdbx_crystal_image_url       ? 
_exptl_crystal.pdbx_crystal_image_format    ? 
_exptl_crystal.pdbx_mosaicity               ? 
_exptl_crystal.pdbx_mosaicity_esd           ? 
_exptl_crystal.pdbx_mosaic_method           ? 
_exptl_crystal.pdbx_mosaic_block_size       ? 
_exptl_crystal.pdbx_mosaic_block_size_esd   ? 
# 
_exptl_crystal_grow.apparatus       ? 
_exptl_crystal_grow.atmosphere      ? 
_exptl_crystal_grow.crystal_id      1 
_exptl_crystal_grow.details         ? 
_exptl_crystal_grow.method          'SLOW COOLING' 
_exptl_crystal_grow.method_ref      ? 
_exptl_crystal_grow.pH              ? 
_exptl_crystal_grow.pressure        ? 
_exptl_crystal_grow.pressure_esd    ? 
_exptl_crystal_grow.seeding         ? 
_exptl_crystal_grow.seeding_ref     ? 
_exptl_crystal_grow.temp_details    ? 
_exptl_crystal_grow.temp_esd        ? 
_exptl_crystal_grow.time            ? 
_exptl_crystal_grow.pdbx_details    'Acetonitrile, water' 
_exptl_crystal_grow.pdbx_pH_range   ? 
_exptl_crystal_grow.temp            298 
# 
_diffrn.ambient_environment              ? 
_diffrn.ambient_temp                     100 
_diffrn.ambient_temp_details             ? 
_diffrn.ambient_temp_esd                 ? 
_diffrn.crystal_id                       1 
_diffrn.crystal_support                  ? 
_diffrn.crystal_treatment                ? 
_diffrn.details                          ? 
_diffrn.id                               1 
_diffrn.ambient_pressure                 ? 
_diffrn.ambient_pressure_esd             ? 
_diffrn.ambient_pressure_gt              ? 
_diffrn.ambient_pressure_lt              ? 
_diffrn.ambient_temp_gt                  ? 
_diffrn.ambient_temp_lt                  ? 
_diffrn.pdbx_serial_crystal_experiment   N 
# 
_diffrn_detector.details                      ? 
_diffrn_detector.detector                     PIXEL 
_diffrn_detector.diffrn_id                    1 
_diffrn_detector.type                         'DECTRIS EIGER X 9M' 
_diffrn_detector.area_resol_mean              ? 
_diffrn_detector.dtime                        ? 
_diffrn_detector.pdbx_frames_total            ? 
_diffrn_detector.pdbx_collection_time_total   ? 
_diffrn_detector.pdbx_collection_date         2022-12-17 
_diffrn_detector.pdbx_frequency               ? 
_diffrn_detector.id                           ? 
_diffrn_detector.number_of_axes               ? 
# 
_diffrn_radiation.collimation                      ? 
_diffrn_radiation.diffrn_id                        1 
_diffrn_radiation.filter_edge                      ? 
_diffrn_radiation.inhomogeneity                    ? 
_diffrn_radiation.monochromator                    ? 
_diffrn_radiation.polarisn_norm                    ? 
_diffrn_radiation.polarisn_ratio                   ? 
_diffrn_radiation.probe                            ? 
_diffrn_radiation.type                             ? 
_diffrn_radiation.xray_symbol                      ? 
_diffrn_radiation.wavelength_id                    1 
_diffrn_radiation.pdbx_monochromatic_or_laue_m_l   M 
_diffrn_radiation.pdbx_wavelength_list             ? 
_diffrn_radiation.pdbx_wavelength                  ? 
_diffrn_radiation.pdbx_diffrn_protocol             'SINGLE WAVELENGTH' 
_diffrn_radiation.pdbx_analyzer                    ? 
_diffrn_radiation.pdbx_scattering_type             x-ray 
# 
_diffrn_radiation_wavelength.id           1 
_diffrn_radiation_wavelength.wavelength   0.6199 
_diffrn_radiation_wavelength.wt           1.0 
# 
_diffrn_source.current                     ? 
_diffrn_source.details                     ? 
_diffrn_source.diffrn_id                   1 
_diffrn_source.power                       ? 
_diffrn_source.size                        ? 
_diffrn_source.source                      SYNCHROTRON 
_diffrn_source.target                      ? 
_diffrn_source.type                        'APS BEAMLINE 21-ID-D' 
_diffrn_source.voltage                     ? 
_diffrn_source.take-off_angle              ? 
_diffrn_source.pdbx_wavelength_list        0.6199 
_diffrn_source.pdbx_wavelength             ? 
_diffrn_source.pdbx_synchrotron_beamline   21-ID-D 
_diffrn_source.pdbx_synchrotron_site       APS 
# 
_reflns.B_iso_Wilson_estimate                          4.65 
_reflns.entry_id                                       8VOG 
_reflns.data_reduction_details                         ? 
_reflns.data_reduction_method                          ? 
_reflns.d_resolution_high                              0.94 
_reflns.d_resolution_low                               15.68 
_reflns.details                                        ? 
_reflns.limit_h_max                                    ? 
_reflns.limit_h_min                                    ? 
_reflns.limit_k_max                                    ? 
_reflns.limit_k_min                                    ? 
_reflns.limit_l_max                                    ? 
_reflns.limit_l_min                                    ? 
_reflns.number_all                                     ? 
_reflns.number_obs                                     11219 
_reflns.observed_criterion                             ? 
_reflns.observed_criterion_F_max                       ? 
_reflns.observed_criterion_F_min                       ? 
_reflns.observed_criterion_I_max                       ? 
_reflns.observed_criterion_I_min                       ? 
_reflns.observed_criterion_sigma_F                     ? 
_reflns.observed_criterion_sigma_I                     ? 
_reflns.percent_possible_obs                           89.58 
_reflns.R_free_details                                 ? 
_reflns.Rmerge_F_all                                   ? 
_reflns.Rmerge_F_obs                                   ? 
_reflns.Friedel_coverage                               ? 
_reflns.number_gt                                      ? 
_reflns.threshold_expression                           ? 
_reflns.pdbx_redundancy                                3.7 
_reflns.pdbx_netI_over_av_sigmaI                       ? 
_reflns.pdbx_netI_over_sigmaI                          27.93 
_reflns.pdbx_res_netI_over_av_sigmaI_2                 ? 
_reflns.pdbx_res_netI_over_sigmaI_2                    ? 
_reflns.pdbx_chi_squared                               ? 
_reflns.pdbx_scaling_rejects                           ? 
_reflns.pdbx_d_res_high_opt                            ? 
_reflns.pdbx_d_res_low_opt                             ? 
_reflns.pdbx_d_res_opt_method                          ? 
_reflns.phase_calculation_details                      ? 
_reflns.pdbx_Rrim_I_all                                ? 
_reflns.pdbx_Rpim_I_all                                ? 
_reflns.pdbx_d_opt                                     ? 
_reflns.pdbx_number_measured_all                       ? 
_reflns.pdbx_diffrn_id                                 1 
_reflns.pdbx_ordinal                                   1 
_reflns.pdbx_CC_half                                   0.958 
_reflns.pdbx_CC_star                                   ? 
_reflns.pdbx_R_split                                   ? 
_reflns.pdbx_Rmerge_I_obs                              ? 
_reflns.pdbx_Rmerge_I_all                              ? 
_reflns.pdbx_Rsym_value                                ? 
_reflns.pdbx_CC_split_method                           ? 
_reflns.pdbx_aniso_diffraction_limit_axis_1_ortho[1]   ? 
_reflns.pdbx_aniso_diffraction_limit_axis_1_ortho[2]   ? 
_reflns.pdbx_aniso_diffraction_limit_axis_1_ortho[3]   ? 
_reflns.pdbx_aniso_diffraction_limit_axis_2_ortho[1]   ? 
_reflns.pdbx_aniso_diffraction_limit_axis_2_ortho[2]   ? 
_reflns.pdbx_aniso_diffraction_limit_axis_2_ortho[3]   ? 
_reflns.pdbx_aniso_diffraction_limit_axis_3_ortho[1]   ? 
_reflns.pdbx_aniso_diffraction_limit_axis_3_ortho[2]   ? 
_reflns.pdbx_aniso_diffraction_limit_axis_3_ortho[3]   ? 
_reflns.pdbx_aniso_diffraction_limit_1                 ? 
_reflns.pdbx_aniso_diffraction_limit_2                 ? 
_reflns.pdbx_aniso_diffraction_limit_3                 ? 
_reflns.pdbx_aniso_B_tensor_eigenvector_1_ortho[1]     ? 
_reflns.pdbx_aniso_B_tensor_eigenvector_1_ortho[2]     ? 
_reflns.pdbx_aniso_B_tensor_eigenvector_1_ortho[3]     ? 
_reflns.pdbx_aniso_B_tensor_eigenvector_2_ortho[1]     ? 
_reflns.pdbx_aniso_B_tensor_eigenvector_2_ortho[2]     ? 
_reflns.pdbx_aniso_B_tensor_eigenvector_2_ortho[3]     ? 
_reflns.pdbx_aniso_B_tensor_eigenvector_3_ortho[1]     ? 
_reflns.pdbx_aniso_B_tensor_eigenvector_3_ortho[2]     ? 
_reflns.pdbx_aniso_B_tensor_eigenvector_3_ortho[3]     ? 
_reflns.pdbx_aniso_B_tensor_eigenvalue_1               ? 
_reflns.pdbx_aniso_B_tensor_eigenvalue_2               ? 
_reflns.pdbx_aniso_B_tensor_eigenvalue_3               ? 
_reflns.pdbx_orthogonalization_convention              ? 
_reflns.pdbx_percent_possible_ellipsoidal              ? 
_reflns.pdbx_percent_possible_spherical                ? 
_reflns.pdbx_percent_possible_ellipsoidal_anomalous    ? 
_reflns.pdbx_percent_possible_spherical_anomalous      ? 
_reflns.pdbx_redundancy_anomalous                      ? 
_reflns.pdbx_CC_half_anomalous                         ? 
_reflns.pdbx_absDiff_over_sigma_anomalous              ? 
_reflns.pdbx_percent_possible_anomalous                ? 
_reflns.pdbx_observed_signal_threshold                 ? 
_reflns.pdbx_signal_type                               ? 
_reflns.pdbx_signal_details                            ? 
_reflns.pdbx_signal_software_id                        ? 
# 
_reflns_shell.d_res_high                                    0.94 
_reflns_shell.d_res_low                                     0.9736 
_reflns_shell.meanI_over_sigI_all                           ? 
_reflns_shell.meanI_over_sigI_obs                           ? 
_reflns_shell.number_measured_all                           ? 
_reflns_shell.number_measured_obs                           ? 
_reflns_shell.number_possible                               ? 
_reflns_shell.number_unique_all                             ? 
_reflns_shell.number_unique_obs                             1138 
_reflns_shell.percent_possible_obs                          ? 
_reflns_shell.Rmerge_F_all                                  ? 
_reflns_shell.Rmerge_F_obs                                  ? 
_reflns_shell.meanI_over_sigI_gt                            ? 
_reflns_shell.meanI_over_uI_all                             ? 
_reflns_shell.meanI_over_uI_gt                              ? 
_reflns_shell.number_measured_gt                            ? 
_reflns_shell.number_unique_gt                              ? 
_reflns_shell.percent_possible_gt                           ? 
_reflns_shell.Rmerge_F_gt                                   ? 
_reflns_shell.Rmerge_I_gt                                   ? 
_reflns_shell.pdbx_redundancy                               ? 
_reflns_shell.pdbx_chi_squared                              ? 
_reflns_shell.pdbx_netI_over_sigmaI_all                     ? 
_reflns_shell.pdbx_netI_over_sigmaI_obs                     ? 
_reflns_shell.pdbx_Rrim_I_all                               ? 
_reflns_shell.pdbx_Rpim_I_all                               ? 
_reflns_shell.pdbx_rejects                                  ? 
_reflns_shell.pdbx_ordinal                                  1 
_reflns_shell.pdbx_diffrn_id                                1 
_reflns_shell.pdbx_CC_half                                  0.995 
_reflns_shell.pdbx_CC_star                                  ? 
_reflns_shell.pdbx_R_split                                  ? 
_reflns_shell.percent_possible_all                          ? 
_reflns_shell.Rmerge_I_all                                  ? 
_reflns_shell.Rmerge_I_obs                                  ? 
_reflns_shell.pdbx_Rsym_value                               ? 
_reflns_shell.pdbx_percent_possible_ellipsoidal             ? 
_reflns_shell.pdbx_percent_possible_spherical               ? 
_reflns_shell.pdbx_percent_possible_ellipsoidal_anomalous   ? 
_reflns_shell.pdbx_percent_possible_spherical_anomalous     ? 
_reflns_shell.pdbx_redundancy_anomalous                     ? 
_reflns_shell.pdbx_CC_half_anomalous                        ? 
_reflns_shell.pdbx_absDiff_over_sigma_anomalous             ? 
_reflns_shell.pdbx_percent_possible_anomalous               ? 
# 
_refine.aniso_B[1][1]                            ? 
_refine.aniso_B[1][2]                            ? 
_refine.aniso_B[1][3]                            ? 
_refine.aniso_B[2][2]                            ? 
_refine.aniso_B[2][3]                            ? 
_refine.aniso_B[3][3]                            ? 
_refine.B_iso_max                                ? 
_refine.B_iso_mean                               7.60 
_refine.B_iso_min                                ? 
_refine.correlation_coeff_Fo_to_Fc               ? 
_refine.correlation_coeff_Fo_to_Fc_free          ? 
_refine.details                                  ? 
_refine.diff_density_max                         ? 
_refine.diff_density_max_esd                     ? 
_refine.diff_density_min                         ? 
_refine.diff_density_min_esd                     ? 
_refine.diff_density_rms                         ? 
_refine.diff_density_rms_esd                     ? 
_refine.entry_id                                 8VOG 
_refine.pdbx_refine_id                           'X-RAY DIFFRACTION' 
_refine.ls_abs_structure_details                 ? 
_refine.ls_abs_structure_Flack                   ? 
_refine.ls_abs_structure_Flack_esd               ? 
_refine.ls_abs_structure_Rogers                  ? 
_refine.ls_abs_structure_Rogers_esd              ? 
_refine.ls_d_res_high                            0.94 
_refine.ls_d_res_low                             15.68 
_refine.ls_extinction_coef                       ? 
_refine.ls_extinction_coef_esd                   ? 
_refine.ls_extinction_expression                 ? 
_refine.ls_extinction_method                     ? 
_refine.ls_goodness_of_fit_all                   ? 
_refine.ls_goodness_of_fit_all_esd               ? 
_refine.ls_goodness_of_fit_obs                   ? 
_refine.ls_goodness_of_fit_obs_esd               ? 
_refine.ls_hydrogen_treatment                    ? 
_refine.ls_matrix_type                           ? 
_refine.ls_number_constraints                    ? 
_refine.ls_number_parameters                     ? 
_refine.ls_number_reflns_all                     ? 
_refine.ls_number_reflns_obs                     11219 
_refine.ls_number_reflns_R_free                  2074 
_refine.ls_number_reflns_R_work                  18920 
_refine.ls_number_restraints                     ? 
_refine.ls_percent_reflns_obs                    83.90 
_refine.ls_percent_reflns_R_free                 9.88 
_refine.ls_R_factor_all                          ? 
_refine.ls_R_factor_obs                          0.0799 
_refine.ls_R_factor_R_free                       0.0898 
_refine.ls_R_factor_R_free_error                 ? 
_refine.ls_R_factor_R_free_error_details         ? 
_refine.ls_R_factor_R_work                       0.0786 
_refine.ls_R_Fsqd_factor_obs                     ? 
_refine.ls_R_I_factor_obs                        ? 
_refine.ls_redundancy_reflns_all                 ? 
_refine.ls_redundancy_reflns_obs                 ? 
_refine.ls_restrained_S_all                      ? 
_refine.ls_restrained_S_obs                      ? 
_refine.ls_shift_over_esd_max                    ? 
_refine.ls_shift_over_esd_mean                   ? 
_refine.ls_structure_factor_coef                 ? 
_refine.ls_weighting_details                     ? 
_refine.ls_weighting_scheme                      ? 
_refine.ls_wR_factor_all                         ? 
_refine.ls_wR_factor_obs                         ? 
_refine.ls_wR_factor_R_free                      ? 
_refine.ls_wR_factor_R_work                      ? 
_refine.occupancy_max                            ? 
_refine.occupancy_min                            ? 
_refine.solvent_model_details                    'FLAT BULK SOLVENT MODEL' 
_refine.solvent_model_param_bsol                 ? 
_refine.solvent_model_param_ksol                 ? 
_refine.pdbx_R_complete                          ? 
_refine.ls_R_factor_gt                           ? 
_refine.ls_goodness_of_fit_gt                    ? 
_refine.ls_goodness_of_fit_ref                   ? 
_refine.ls_shift_over_su_max                     ? 
_refine.ls_shift_over_su_max_lt                  ? 
_refine.ls_shift_over_su_mean                    ? 
_refine.ls_shift_over_su_mean_lt                 ? 
_refine.pdbx_ls_sigma_I                          ? 
_refine.pdbx_ls_sigma_F                          2.09 
_refine.pdbx_ls_sigma_Fsqd                       ? 
_refine.pdbx_data_cutoff_high_absF               ? 
_refine.pdbx_data_cutoff_high_rms_absF           ? 
_refine.pdbx_data_cutoff_low_absF                ? 
_refine.pdbx_isotropic_thermal_model             ? 
_refine.pdbx_ls_cross_valid_method               'FREE R-VALUE' 
_refine.pdbx_method_to_determine_struct          'MOLECULAR REPLACEMENT' 
_refine.pdbx_starting_model                      ? 
_refine.pdbx_stereochemistry_target_values       'GeoStd + Monomer Library + CDL v1.2' 
_refine.pdbx_R_Free_selection_details            ? 
_refine.pdbx_stereochem_target_val_spec_case     ? 
_refine.pdbx_overall_ESU_R                       ? 
_refine.pdbx_overall_ESU_R_Free                  ? 
_refine.pdbx_solvent_vdw_probe_radii             1.1000 
_refine.pdbx_solvent_ion_probe_radii             ? 
_refine.pdbx_solvent_shrinkage_radii             0.9000 
_refine.pdbx_real_space_R                        ? 
_refine.pdbx_density_correlation                 ? 
_refine.pdbx_pd_number_of_powder_patterns        ? 
_refine.pdbx_pd_number_of_points                 ? 
_refine.pdbx_pd_meas_number_of_points            ? 
_refine.pdbx_pd_proc_ls_prof_R_factor            ? 
_refine.pdbx_pd_proc_ls_prof_wR_factor           ? 
_refine.pdbx_pd_Marquardt_correlation_coeff      ? 
_refine.pdbx_pd_Fsqrd_R_factor                   ? 
_refine.pdbx_pd_ls_matrix_band_width             ? 
_refine.pdbx_overall_phase_error                 7.1563 
_refine.pdbx_overall_SU_R_free_Cruickshank_DPI   ? 
_refine.pdbx_overall_SU_R_free_Blow_DPI          ? 
_refine.pdbx_overall_SU_R_Blow_DPI               ? 
_refine.pdbx_TLS_residual_ADP_flag               ? 
_refine.pdbx_diffrn_id                           1 
_refine.overall_SU_B                             ? 
_refine.overall_SU_ML                            0.0463 
_refine.overall_SU_R_Cruickshank_DPI             ? 
_refine.overall_SU_R_free                        ? 
_refine.overall_FOM_free_R_set                   ? 
_refine.overall_FOM_work_R_set                   ? 
_refine.pdbx_average_fsc_overall                 ? 
_refine.pdbx_average_fsc_work                    ? 
_refine.pdbx_average_fsc_free                    ? 
# 
_refine_hist.pdbx_refine_id                   'X-RAY DIFFRACTION' 
_refine_hist.cycle_id                         LAST 
_refine_hist.details                          ? 
_refine_hist.d_res_high                       0.94 
_refine_hist.d_res_low                        15.68 
_refine_hist.number_atoms_solvent             19 
_refine_hist.number_atoms_total               255 
_refine_hist.number_reflns_all                ? 
_refine_hist.number_reflns_obs                ? 
_refine_hist.number_reflns_R_free             ? 
_refine_hist.number_reflns_R_work             ? 
_refine_hist.R_factor_all                     ? 
_refine_hist.R_factor_obs                     ? 
_refine_hist.R_factor_R_free                  ? 
_refine_hist.R_factor_R_work                  ? 
_refine_hist.pdbx_number_residues_total       ? 
_refine_hist.pdbx_B_iso_mean_ligand           ? 
_refine_hist.pdbx_B_iso_mean_solvent          ? 
_refine_hist.pdbx_number_atoms_protein        186 
_refine_hist.pdbx_number_atoms_nucleic_acid   0 
_refine_hist.pdbx_number_atoms_ligand         50 
_refine_hist.pdbx_number_atoms_lipid          ? 
_refine_hist.pdbx_number_atoms_carb           ? 
_refine_hist.pdbx_pseudo_atom_details         ? 
# 
loop_
_refine_ls_restr.pdbx_refine_id 
_refine_ls_restr.criterion 
_refine_ls_restr.dev_ideal 
_refine_ls_restr.dev_ideal_target 
_refine_ls_restr.number 
_refine_ls_restr.rejects 
_refine_ls_restr.type 
_refine_ls_restr.weight 
_refine_ls_restr.pdbx_restraint_function 
'X-RAY DIFFRACTION' ? 0.0078  ? 274 ? f_bond_d           ? ? 
'X-RAY DIFFRACTION' ? 1.8008  ? 385 ? f_angle_d          ? ? 
'X-RAY DIFFRACTION' ? 0.0377  ? 20  ? f_chiral_restr     ? ? 
'X-RAY DIFFRACTION' ? 0.0065  ? 46  ? f_plane_restr      ? ? 
'X-RAY DIFFRACTION' ? 30.8866 ? 74  ? f_dihedral_angle_d ? ? 
# 
loop_
_refine_ls_shell.pdbx_refine_id 
_refine_ls_shell.d_res_high 
_refine_ls_shell.d_res_low 
_refine_ls_shell.number_reflns_all 
_refine_ls_shell.number_reflns_obs 
_refine_ls_shell.number_reflns_R_free 
_refine_ls_shell.number_reflns_R_work 
_refine_ls_shell.percent_reflns_obs 
_refine_ls_shell.percent_reflns_R_free 
_refine_ls_shell.R_factor_all 
_refine_ls_shell.R_factor_obs 
_refine_ls_shell.R_factor_R_free_error 
_refine_ls_shell.R_factor_R_work 
_refine_ls_shell.redundancy_reflns_all 
_refine_ls_shell.redundancy_reflns_obs 
_refine_ls_shell.wR_factor_all 
_refine_ls_shell.wR_factor_obs 
_refine_ls_shell.wR_factor_R_free 
_refine_ls_shell.wR_factor_R_work 
_refine_ls_shell.pdbx_R_complete 
_refine_ls_shell.pdbx_total_number_of_bins_used 
_refine_ls_shell.pdbx_phase_error 
_refine_ls_shell.pdbx_fsc_work 
_refine_ls_shell.pdbx_fsc_free 
_refine_ls_shell.R_factor_R_free 
'X-RAY DIFFRACTION' 0.94 0.96  . . 141 1297 89.99 . . . . 0.0802 . . . . . . . . . . . 0.0904 
'X-RAY DIFFRACTION' 0.96 0.99  . . 158 1372 88.85 . . . . 0.0711 . . . . . . . . . . . 0.0866 
'X-RAY DIFFRACTION' 0.99 1.01  . . 135 1188 81.97 . . . . 0.0769 . . . . . . . . . . . 0.1025 
'X-RAY DIFFRACTION' 1.01 1.04  . . 139 1405 89.56 . . . . 0.0719 . . . . . . . . . . . 0.0924 
'X-RAY DIFFRACTION' 1.04 1.08  . . 152 1268 86.80 . . . . 0.0718 . . . . . . . . . . . 0.0767 
'X-RAY DIFFRACTION' 1.08 1.11  . . 121 1279 81.59 . . . . 0.0669 . . . . . . . . . . . 0.0837 
'X-RAY DIFFRACTION' 1.11 1.16  . . 144 1203 82.64 . . . . 0.0650 . . . . . . . . . . . 0.0899 
'X-RAY DIFFRACTION' 1.16 1.21  . . 134 1235 82.07 . . . . 0.0661 . . . . . . . . . . . 0.0764 
'X-RAY DIFFRACTION' 1.21 1.28  . . 121 1091 71.38 . . . . 0.0737 . . . . . . . . . . . 0.0927 
'X-RAY DIFFRACTION' 1.28 1.36  . . 145 1343 90.51 . . . . 0.0745 . . . . . . . . . . . 0.0781 
'X-RAY DIFFRACTION' 1.36 1.46  . . 156 1333 85.87 . . . . 0.0772 . . . . . . . . . . . 0.0768 
'X-RAY DIFFRACTION' 1.46 1.61  . . 140 1270 87.36 . . . . 0.0791 . . . . . . . . . . . 0.0761 
'X-RAY DIFFRACTION' 1.61 1.84  . . 129 1255 82.09 . . . . 0.0835 . . . . . . . . . . . 0.1061 
'X-RAY DIFFRACTION' 1.84 2.32  . . 127 1131 75.69 . . . . 0.0859 . . . . . . . . . . . 0.0956 
'X-RAY DIFFRACTION' 2.32 15.68 . . 132 1250 82.56 . . . . 0.0895 . . . . . . . . . . . 0.0979 
# 
_struct.entry_id                     8VOG 
_struct.title                        'UIC-12-BIF extension of UIC-1' 
_struct.pdbx_model_details           ? 
_struct.pdbx_formula_weight          ? 
_struct.pdbx_formula_weight_method   ? 
_struct.pdbx_model_type_details      ? 
_struct.pdbx_CASP_flag               N 
# 
_struct_keywords.entry_id        8VOG 
_struct_keywords.text            'synthetic construct, DE NOVO PROTEIN' 
_struct_keywords.pdbx_keywords   'DE NOVO PROTEIN' 
# 
loop_
_struct_asym.id 
_struct_asym.pdbx_blank_PDB_chainid_flag 
_struct_asym.pdbx_modified 
_struct_asym.entity_id 
_struct_asym.details 
A N N 1 ? 
B N N 1 ? 
C N N 2 ? 
D N N 2 ? 
E N N 2 ? 
F N N 2 ? 
G N N 3 ? 
H N N 3 ? 
# 
_struct_ref.id                         1 
_struct_ref.db_name                    PDB 
_struct_ref.db_code                    8VOG 
_struct_ref.pdbx_db_accession          8VOG 
_struct_ref.pdbx_db_isoform            ? 
_struct_ref.entity_id                  1 
_struct_ref.pdbx_seq_one_letter_code   ? 
_struct_ref.pdbx_align_begin           1 
# 
loop_
_struct_ref_seq.align_id 
_struct_ref_seq.ref_id 
_struct_ref_seq.pdbx_PDB_id_code 
_struct_ref_seq.pdbx_strand_id 
_struct_ref_seq.seq_align_beg 
_struct_ref_seq.pdbx_seq_align_beg_ins_code 
_struct_ref_seq.seq_align_end 
_struct_ref_seq.pdbx_seq_align_end_ins_code 
_struct_ref_seq.pdbx_db_accession 
_struct_ref_seq.db_align_beg 
_struct_ref_seq.pdbx_db_align_beg_ins_code 
_struct_ref_seq.db_align_end 
_struct_ref_seq.pdbx_db_align_end_ins_code 
_struct_ref_seq.pdbx_auth_seq_align_beg 
_struct_ref_seq.pdbx_auth_seq_align_end 
1 1 8VOG A 1 ? 14 ? 8VOG 1 ? 14 ? 1 14 
2 1 8VOG B 1 ? 14 ? 8VOG 1 ? 14 ? 1 14 
# 
loop_
_pdbx_struct_assembly.id 
_pdbx_struct_assembly.details 
_pdbx_struct_assembly.method_details 
_pdbx_struct_assembly.oligomeric_details 
_pdbx_struct_assembly.oligomeric_count 
1 author_defined_assembly ? monomeric 1 
2 author_defined_assembly ? monomeric 1 
# 
loop_
_pdbx_struct_assembly_gen.assembly_id 
_pdbx_struct_assembly_gen.oper_expression 
_pdbx_struct_assembly_gen.asym_id_list 
1 1 A,C,D,G 
2 1 B,E,F,H 
# 
_pdbx_struct_oper_list.id                   1 
_pdbx_struct_oper_list.type                 'identity operation' 
_pdbx_struct_oper_list.name                 1_555 
_pdbx_struct_oper_list.symmetry_operation   x,y,z 
_pdbx_struct_oper_list.matrix[1][1]         1.0000000000 
_pdbx_struct_oper_list.matrix[1][2]         0.0000000000 
_pdbx_struct_oper_list.matrix[1][3]         0.0000000000 
_pdbx_struct_oper_list.vector[1]            0.0000000000 
_pdbx_struct_oper_list.matrix[2][1]         0.0000000000 
_pdbx_struct_oper_list.matrix[2][2]         1.0000000000 
_pdbx_struct_oper_list.matrix[2][3]         0.0000000000 
_pdbx_struct_oper_list.vector[2]            0.0000000000 
_pdbx_struct_oper_list.matrix[3][1]         0.0000000000 
_pdbx_struct_oper_list.matrix[3][2]         0.0000000000 
_pdbx_struct_oper_list.matrix[3][3]         1.0000000000 
_pdbx_struct_oper_list.vector[3]            0.0000000000 
# 
loop_
_struct_conf.conf_type_id 
_struct_conf.id 
_struct_conf.pdbx_PDB_helix_id 
_struct_conf.beg_label_comp_id 
_struct_conf.beg_label_asym_id 
_struct_conf.beg_label_seq_id 
_struct_conf.pdbx_beg_PDB_ins_code 
_struct_conf.end_label_comp_id 
_struct_conf.end_label_asym_id 
_struct_conf.end_label_seq_id 
_struct_conf.pdbx_end_PDB_ins_code 
_struct_conf.beg_auth_comp_id 
_struct_conf.beg_auth_asym_id 
_struct_conf.beg_auth_seq_id 
_struct_conf.end_auth_comp_id 
_struct_conf.end_auth_asym_id 
_struct_conf.end_auth_seq_id 
_struct_conf.pdbx_PDB_helix_class 
_struct_conf.details 
_struct_conf.pdbx_PDB_helix_length 
HELX_P HELX_P1 AA1 AIB A 2 ? LEU A 13 ? AIB A 2 LEU A 13 1 ? 12 
HELX_P HELX_P2 AA2 ALA B 3 ? LEU B 13 ? ALA B 3 LEU B 13 1 ? 11 
# 
_struct_conf_type.id          HELX_P 
_struct_conf_type.criteria    ? 
_struct_conf_type.reference   ? 
# 
loop_
_struct_conn.id 
_struct_conn.conn_type_id 
_struct_conn.pdbx_leaving_atom_flag 
_struct_conn.pdbx_PDB_id 
_struct_conn.ptnr1_label_asym_id 
_struct_conn.ptnr1_label_comp_id 
_struct_conn.ptnr1_label_seq_id 
_struct_conn.ptnr1_label_atom_id 
_struct_conn.pdbx_ptnr1_label_alt_id 
_struct_conn.pdbx_ptnr1_PDB_ins_code 
_struct_conn.pdbx_ptnr1_standard_comp_id 
_struct_conn.ptnr1_symmetry 
_struct_conn.ptnr2_label_asym_id 
_struct_conn.ptnr2_label_comp_id 
_struct_conn.ptnr2_label_seq_id 
_struct_conn.ptnr2_label_atom_id 
_struct_conn.pdbx_ptnr2_label_alt_id 
_struct_conn.pdbx_ptnr2_PDB_ins_code 
_struct_conn.ptnr1_auth_asym_id 
_struct_conn.ptnr1_auth_comp_id 
_struct_conn.ptnr1_auth_seq_id 
_struct_conn.ptnr2_auth_asym_id 
_struct_conn.ptnr2_auth_comp_id 
_struct_conn.ptnr2_auth_seq_id 
_struct_conn.ptnr2_symmetry 
_struct_conn.pdbx_ptnr3_label_atom_id 
_struct_conn.pdbx_ptnr3_label_seq_id 
_struct_conn.pdbx_ptnr3_label_comp_id 
_struct_conn.pdbx_ptnr3_label_asym_id 
_struct_conn.pdbx_ptnr3_label_alt_id 
_struct_conn.pdbx_ptnr3_PDB_ins_code 
_struct_conn.details 
_struct_conn.pdbx_dist_value 
_struct_conn.pdbx_value_order 
_struct_conn.pdbx_role 
covale1  covale both ? A Z7Z 1  C1 ? ? ? 1_555 A AIB 2  N   ? ? A Z7Z 1  A AIB 2  1_555 ? ? ? ? ? ? ? 1.415 ? ? 
covale2  covale both ? A AIB 2  C  ? ? ? 1_555 A ALA 3  N   ? ? A AIB 2  A ALA 3  1_555 ? ? ? ? ? ? ? 1.337 ? ? 
covale3  covale both ? A ALA 3  C  ? ? ? 1_555 A AIB 4  N   ? ? A ALA 3  A AIB 4  1_555 ? ? ? ? ? ? ? 1.334 ? ? 
covale4  covale both ? A AIB 4  C  ? ? ? 1_555 A LEU 5  N   ? ? A AIB 4  A LEU 5  1_555 ? ? ? ? ? ? ? 1.339 ? ? 
covale5  covale both ? A LEU 5  C  ? ? ? 1_555 A AIB 6  N   ? ? A LEU 5  A AIB 6  1_555 ? ? ? ? ? ? ? 1.332 ? ? 
covale6  covale both ? A AIB 6  C  ? ? ? 1_555 A ALA 7  N   ? ? A AIB 6  A ALA 7  1_555 ? ? ? ? ? ? ? 1.335 ? ? 
covale7  covale both ? A ALA 7  C  ? ? ? 1_555 A AIB 8  N   ? ? A ALA 7  A AIB 8  1_555 ? ? ? ? ? ? ? 1.330 ? ? 
covale8  covale both ? A AIB 8  C  ? ? ? 1_555 A LEU 9  N   ? ? A AIB 8  A LEU 9  1_555 ? ? ? ? ? ? ? 1.335 ? ? 
covale9  covale both ? A LEU 9  C  ? ? ? 1_555 A AIB 10 N   ? ? A LEU 9  A AIB 10 1_555 ? ? ? ? ? ? ? 1.329 ? ? 
covale10 covale both ? A AIB 10 C  ? ? ? 1_555 A GLN 11 N   A ? A AIB 10 A GLN 11 1_555 ? ? ? ? ? ? ? 1.325 ? ? 
covale11 covale both ? A AIB 10 C  ? ? ? 1_555 A GLN 11 N   B ? A AIB 10 A GLN 11 1_555 ? ? ? ? ? ? ? 1.334 ? ? 
covale12 covale both ? A GLN 11 C  A ? ? 1_555 A AIB 12 N   ? ? A GLN 11 A AIB 12 1_555 ? ? ? ? ? ? ? 1.328 ? ? 
covale13 covale both ? A GLN 11 C  B ? ? 1_555 A AIB 12 N   ? ? A GLN 11 A AIB 12 1_555 ? ? ? ? ? ? ? 1.327 ? ? 
covale14 covale both ? A AIB 12 C  ? ? ? 1_555 A LEU 13 N   ? ? A AIB 12 A LEU 13 1_555 ? ? ? ? ? ? ? 1.331 ? ? 
covale15 covale one  ? A LEU 13 C  ? ? ? 1_555 A I77 14 N15 A ? A LEU 13 A I77 14 1_555 ? ? ? ? ? ? ? 1.425 ? ? 
covale16 covale one  ? A LEU 13 C  ? ? ? 1_555 A I77 14 N15 B ? A LEU 13 A I77 14 1_555 ? ? ? ? ? ? ? 1.429 ? ? 
covale17 covale both ? B Z7Z 1  C1 ? ? ? 1_555 B AIB 2  N   ? ? B Z7Z 1  B AIB 2  1_555 ? ? ? ? ? ? ? 1.414 ? ? 
covale18 covale both ? B AIB 2  C  ? ? ? 1_555 B ALA 3  N   ? ? B AIB 2  B ALA 3  1_555 ? ? ? ? ? ? ? 1.339 ? ? 
covale19 covale both ? B ALA 3  C  ? ? ? 1_555 B AIB 4  N   ? ? B ALA 3  B AIB 4  1_555 ? ? ? ? ? ? ? 1.334 ? ? 
covale20 covale both ? B AIB 4  C  ? ? ? 1_555 B LEU 5  N   ? ? B AIB 4  B LEU 5  1_555 ? ? ? ? ? ? ? 1.339 ? ? 
covale21 covale both ? B LEU 5  C  ? ? ? 1_555 B AIB 6  N   ? ? B LEU 5  B AIB 6  1_555 ? ? ? ? ? ? ? 1.336 ? ? 
covale22 covale both ? B AIB 6  C  ? ? ? 1_555 B ALA 7  N   ? ? B AIB 6  B ALA 7  1_555 ? ? ? ? ? ? ? 1.335 ? ? 
covale23 covale both ? B ALA 7  C  ? ? ? 1_555 B AIB 8  N   ? ? B ALA 7  B AIB 8  1_555 ? ? ? ? ? ? ? 1.337 ? ? 
covale24 covale both ? B AIB 8  C  ? ? ? 1_555 B LEU 9  N   ? ? B AIB 8  B LEU 9  1_555 ? ? ? ? ? ? ? 1.334 ? ? 
covale25 covale both ? B LEU 9  C  ? ? ? 1_555 B AIB 10 N   ? ? B LEU 9  B AIB 10 1_555 ? ? ? ? ? ? ? 1.333 ? ? 
covale26 covale both ? B AIB 10 C  ? ? ? 1_555 B GLN 11 N   A ? B AIB 10 B GLN 11 1_555 ? ? ? ? ? ? ? 1.339 ? ? 
covale27 covale both ? B AIB 10 C  ? ? ? 1_555 B GLN 11 N   B ? B AIB 10 B GLN 11 1_555 ? ? ? ? ? ? ? 1.329 ? ? 
covale28 covale both ? B GLN 11 C  A ? ? 1_555 B AIB 12 N   ? ? B GLN 11 B AIB 12 1_555 ? ? ? ? ? ? ? 1.331 ? ? 
covale29 covale both ? B GLN 11 C  B ? ? 1_555 B AIB 12 N   ? ? B GLN 11 B AIB 12 1_555 ? ? ? ? ? ? ? 1.325 ? ? 
covale30 covale both ? B AIB 12 C  ? ? ? 1_555 B LEU 13 N   ? ? B AIB 12 B LEU 13 1_555 ? ? ? ? ? ? ? 1.327 ? ? 
covale31 covale one  ? B LEU 13 C  ? ? ? 1_555 B I77 14 N15 ? ? B LEU 13 B I77 14 1_555 ? ? ? ? ? ? ? 1.427 ? ? 
# 
_struct_conn_type.id          covale 
_struct_conn_type.criteria    ? 
_struct_conn_type.reference   ? 
# 
_pdbx_entry_details.entry_id                   8VOG 
_pdbx_entry_details.has_ligand_of_interest     Y 
_pdbx_entry_details.compound_details           ? 
_pdbx_entry_details.source_details             ? 
_pdbx_entry_details.nonpolymer_details         ? 
_pdbx_entry_details.sequence_details           ? 
_pdbx_entry_details.has_protein_modification   ? 
# 
_pdbx_validate_close_contact.id               1 
_pdbx_validate_close_contact.PDB_model_num    1 
_pdbx_validate_close_contact.auth_atom_id_1   C 
_pdbx_validate_close_contact.auth_asym_id_1   A 
_pdbx_validate_close_contact.auth_comp_id_1   LEU 
_pdbx_validate_close_contact.auth_seq_id_1    13 
_pdbx_validate_close_contact.PDB_ins_code_1   ? 
_pdbx_validate_close_contact.label_alt_id_1   ? 
_pdbx_validate_close_contact.auth_atom_id_2   H1 
_pdbx_validate_close_contact.auth_asym_id_2   A 
_pdbx_validate_close_contact.auth_comp_id_2   I77 
_pdbx_validate_close_contact.auth_seq_id_2    14 
_pdbx_validate_close_contact.PDB_ins_code_2   ? 
_pdbx_validate_close_contact.label_alt_id_2   A 
_pdbx_validate_close_contact.dist             1.51 
# 
_space_group_symop.id              1 
_space_group_symop.operation_xyz   x,y,z 
# 
loop_
_chem_comp_atom.comp_id 
_chem_comp_atom.atom_id 
_chem_comp_atom.type_symbol 
_chem_comp_atom.pdbx_aromatic_flag 
_chem_comp_atom.pdbx_stereo_config 
_chem_comp_atom.pdbx_ordinal 
AIB N    N N N 1   
AIB CA   C N N 2   
AIB C    C N N 3   
AIB O    O N N 4   
AIB OXT  O N N 5   
AIB CB1  C N N 6   
AIB CB2  C N N 7   
AIB H    H N N 8   
AIB H2   H N N 9   
AIB HXT  H N N 10  
AIB HB11 H N N 11  
AIB HB12 H N N 12  
AIB HB13 H N N 13  
AIB HB21 H N N 14  
AIB HB22 H N N 15  
AIB HB23 H N N 16  
ALA N    N N N 17  
ALA CA   C N S 18  
ALA C    C N N 19  
ALA O    O N N 20  
ALA CB   C N N 21  
ALA OXT  O N N 22  
ALA H    H N N 23  
ALA H2   H N N 24  
ALA HA   H N N 25  
ALA HB1  H N N 26  
ALA HB2  H N N 27  
ALA HB3  H N N 28  
ALA HXT  H N N 29  
CCN N    N N N 30  
CCN C1   C N N 31  
CCN C2   C N N 32  
CCN H21  H N N 33  
CCN H22  H N N 34  
CCN H23  H N N 35  
GLN N    N N N 36  
GLN CA   C N S 37  
GLN C    C N N 38  
GLN O    O N N 39  
GLN CB   C N N 40  
GLN CG   C N N 41  
GLN CD   C N N 42  
GLN OE1  O N N 43  
GLN NE2  N N N 44  
GLN OXT  O N N 45  
GLN H    H N N 46  
GLN H2   H N N 47  
GLN HA   H N N 48  
GLN HB2  H N N 49  
GLN HB3  H N N 50  
GLN HG2  H N N 51  
GLN HG3  H N N 52  
GLN HE21 H N N 53  
GLN HE22 H N N 54  
GLN HXT  H N N 55  
HOH O    O N N 56  
HOH H1   H N N 57  
HOH H2   H N N 58  
I77 C11  C Y N 59  
I77 C12  C Y N 60  
I77 C13  C N N 61  
I77 C17  C Y N 62  
I77 C18  C Y N 63  
I77 C02  C N N 64  
I77 C03  C Y N 65  
I77 C04  C Y N 66  
I77 C05  C Y N 67  
I77 C06  C Y N 68  
I77 C08  C Y N 69  
I77 C09  C Y N 70  
I77 N01  N N N 71  
I77 N07  N Y N 72  
I77 N10  N Y N 73  
I77 N14  N N N 74  
I77 N15  N N N 75  
I77 O16  O N N 76  
I77 O19  O N N 77  
I77 H111 H N N 78  
I77 H171 H N N 79  
I77 H181 H N N 80  
I77 H041 H N N 81  
I77 H051 H N N 82  
I77 H061 H N N 83  
I77 H011 H N N 84  
I77 H012 H N N 85  
I77 H141 H N N 86  
I77 H1   H N N 87  
I77 H2   H N N 88  
LEU N    N N N 89  
LEU CA   C N S 90  
LEU C    C N N 91  
LEU O    O N N 92  
LEU CB   C N N 93  
LEU CG   C N N 94  
LEU CD1  C N N 95  
LEU CD2  C N N 96  
LEU OXT  O N N 97  
LEU H    H N N 98  
LEU H2   H N N 99  
LEU HA   H N N 100 
LEU HB2  H N N 101 
LEU HB3  H N N 102 
LEU HG   H N N 103 
LEU HD11 H N N 104 
LEU HD12 H N N 105 
LEU HD13 H N N 106 
LEU HD21 H N N 107 
LEU HD22 H N N 108 
LEU HD23 H N N 109 
LEU HXT  H N N 110 
Z7Z O1   O N N 111 
Z7Z C1   C N N 112 
Z7Z O2   O N N 113 
Z7Z C2   C Y N 114 
Z7Z C3   C Y N 115 
Z7Z C4   C Y N 116 
Z7Z C5   C Y N 117 
Z7Z C6   C Y N 118 
Z7Z C7   C Y N 119 
Z7Z C8   C Y N 120 
Z7Z C9   C Y N 121 
Z7Z C10  C Y N 122 
Z7Z C11  C Y N 123 
Z7Z C12  C Y N 124 
Z7Z C13  C Y N 125 
Z7Z H1O  H N N 126 
Z7Z H31  H N N 127 
Z7Z H41  H N N 128 
Z7Z H51  H N N 129 
Z7Z H61  H N N 130 
Z7Z H91  H N N 131 
Z7Z H101 H N N 132 
Z7Z H111 H N N 133 
Z7Z H121 H N N 134 
Z7Z H131 H N N 135 
# 
loop_
_chem_comp_bond.comp_id 
_chem_comp_bond.atom_id_1 
_chem_comp_bond.atom_id_2 
_chem_comp_bond.value_order 
_chem_comp_bond.pdbx_aromatic_flag 
_chem_comp_bond.pdbx_stereo_config 
_chem_comp_bond.pdbx_ordinal 
AIB N   CA   sing N N 1   
AIB N   H    sing N N 2   
AIB N   H2   sing N N 3   
AIB CA  C    sing N N 4   
AIB CA  CB1  sing N N 5   
AIB CA  CB2  sing N N 6   
AIB C   O    doub N N 7   
AIB C   OXT  sing N N 8   
AIB OXT HXT  sing N N 9   
AIB CB1 HB11 sing N N 10  
AIB CB1 HB12 sing N N 11  
AIB CB1 HB13 sing N N 12  
AIB CB2 HB21 sing N N 13  
AIB CB2 HB22 sing N N 14  
AIB CB2 HB23 sing N N 15  
ALA N   CA   sing N N 16  
ALA N   H    sing N N 17  
ALA N   H2   sing N N 18  
ALA CA  C    sing N N 19  
ALA CA  CB   sing N N 20  
ALA CA  HA   sing N N 21  
ALA C   O    doub N N 22  
ALA C   OXT  sing N N 23  
ALA CB  HB1  sing N N 24  
ALA CB  HB2  sing N N 25  
ALA CB  HB3  sing N N 26  
ALA OXT HXT  sing N N 27  
CCN N   C1   trip N N 28  
CCN C1  C2   sing N N 29  
CCN C2  H21  sing N N 30  
CCN C2  H22  sing N N 31  
CCN C2  H23  sing N N 32  
GLN N   CA   sing N N 33  
GLN N   H    sing N N 34  
GLN N   H2   sing N N 35  
GLN CA  C    sing N N 36  
GLN CA  CB   sing N N 37  
GLN CA  HA   sing N N 38  
GLN C   O    doub N N 39  
GLN C   OXT  sing N N 40  
GLN CB  CG   sing N N 41  
GLN CB  HB2  sing N N 42  
GLN CB  HB3  sing N N 43  
GLN CG  CD   sing N N 44  
GLN CG  HG2  sing N N 45  
GLN CG  HG3  sing N N 46  
GLN CD  OE1  doub N N 47  
GLN CD  NE2  sing N N 48  
GLN NE2 HE21 sing N N 49  
GLN NE2 HE22 sing N N 50  
GLN OXT HXT  sing N N 51  
HOH O   H1   sing N N 52  
HOH O   H2   sing N N 53  
I77 N15 N14  sing N N 54  
I77 O16 C13  doub N N 55  
I77 N14 C13  sing N N 56  
I77 C13 C12  sing N N 57  
I77 C12 C17  doub Y N 58  
I77 C12 C11  sing Y N 59  
I77 C17 C18  sing Y N 60  
I77 C11 N10  doub Y N 61  
I77 C18 C09  doub Y N 62  
I77 N10 C09  sing Y N 63  
I77 C09 C08  sing N N 64  
I77 C08 N07  doub Y N 65  
I77 C08 C05  sing Y N 66  
I77 N07 C06  sing Y N 67  
I77 C05 C04  doub Y N 68  
I77 C06 C03  doub Y N 69  
I77 C04 C03  sing Y N 70  
I77 C03 C02  sing N N 71  
I77 C02 N01  sing N N 72  
I77 C02 O19  doub N N 73  
I77 C11 H111 sing N N 74  
I77 C17 H171 sing N N 75  
I77 C18 H181 sing N N 76  
I77 C04 H041 sing N N 77  
I77 C05 H051 sing N N 78  
I77 C06 H061 sing N N 79  
I77 N01 H011 sing N N 80  
I77 N01 H012 sing N N 81  
I77 N14 H141 sing N N 82  
I77 N15 H1   sing N N 83  
I77 N15 H2   sing N N 84  
LEU N   CA   sing N N 85  
LEU N   H    sing N N 86  
LEU N   H2   sing N N 87  
LEU CA  C    sing N N 88  
LEU CA  CB   sing N N 89  
LEU CA  HA   sing N N 90  
LEU C   O    doub N N 91  
LEU C   OXT  sing N N 92  
LEU CB  CG   sing N N 93  
LEU CB  HB2  sing N N 94  
LEU CB  HB3  sing N N 95  
LEU CG  CD1  sing N N 96  
LEU CG  CD2  sing N N 97  
LEU CG  HG   sing N N 98  
LEU CD1 HD11 sing N N 99  
LEU CD1 HD12 sing N N 100 
LEU CD1 HD13 sing N N 101 
LEU CD2 HD21 sing N N 102 
LEU CD2 HD22 sing N N 103 
LEU CD2 HD23 sing N N 104 
LEU OXT HXT  sing N N 105 
Z7Z O1  C1   sing N N 106 
Z7Z O1  H1O  sing N N 107 
Z7Z C1  O2   doub N N 108 
Z7Z C1  C2   sing N N 109 
Z7Z C2  C3   doub Y N 110 
Z7Z C2  C5   sing Y N 111 
Z7Z C3  C4   sing Y N 112 
Z7Z C3  H31  sing N N 113 
Z7Z C4  C7   doub Y N 114 
Z7Z C4  H41  sing N N 115 
Z7Z C5  C6   doub Y N 116 
Z7Z C5  H51  sing N N 117 
Z7Z C6  C7   sing Y N 118 
Z7Z C6  H61  sing N N 119 
Z7Z C7  C8   sing N N 120 
Z7Z C8  C9   doub Y N 121 
Z7Z C8  C10  sing Y N 122 
Z7Z C9  C11  sing Y N 123 
Z7Z C9  H91  sing N N 124 
Z7Z C10 C12  doub Y N 125 
Z7Z C10 H101 sing N N 126 
Z7Z C11 C13  doub Y N 127 
Z7Z C11 H111 sing N N 128 
Z7Z C12 C13  sing Y N 129 
Z7Z C12 H121 sing N N 130 
Z7Z C13 H131 sing N N 131 
# 
_pdbx_audit_support.funding_organization   'Department of Energy (DOE, United States)' 
_pdbx_audit_support.country                'United States' 
_pdbx_audit_support.grant_number           DE-AC02-06CH11357 
_pdbx_audit_support.ordinal                1 
# 
_pdbx_initial_refinement_model.id               1 
_pdbx_initial_refinement_model.entity_id_list   ? 
_pdbx_initial_refinement_model.type             'experimental model' 
_pdbx_initial_refinement_model.source_name      PDB 
_pdbx_initial_refinement_model.accession_code   8GK9 
_pdbx_initial_refinement_model.details          ? 
# 
_space_group.name_H-M_alt     'P 1' 
_space_group.name_Hall        'P 1' 
_space_group.IT_number        1 
_space_group.crystal_system   triclinic 
_space_group.id               1 
# 
_atom_sites.entry_id                    8VOG 
_atom_sites.Cartn_transf_matrix[1][1]   ? 
_atom_sites.Cartn_transf_matrix[1][2]   ? 
_atom_sites.Cartn_transf_matrix[1][3]   ? 
_atom_sites.Cartn_transf_matrix[2][1]   ? 
_atom_sites.Cartn_transf_matrix[2][2]   ? 
_atom_sites.Cartn_transf_matrix[2][3]   ? 
_atom_sites.Cartn_transf_matrix[3][1]   ? 
_atom_sites.Cartn_transf_matrix[3][2]   ? 
_atom_sites.Cartn_transf_matrix[3][3]   ? 
_atom_sites.Cartn_transf_vector[1]      ? 
_atom_sites.Cartn_transf_vector[2]      ? 
_atom_sites.Cartn_transf_vector[3]      ? 
_atom_sites.Cartn_transform_axes        ? 
_atom_sites.fract_transf_matrix[1][1]   0.01017054 
_atom_sites.fract_transf_matrix[1][2]   0.05644340 
_atom_sites.fract_transf_matrix[1][3]   0.07995705 
_atom_sites.fract_transf_matrix[2][1]   -0.02088275 
_atom_sites.fract_transf_matrix[2][2]   0.05095690 
_atom_sites.fract_transf_matrix[2][3]   -0.03219974 
_atom_sites.fract_transf_matrix[3][1]   -0.03076209 
_atom_sites.fract_transf_matrix[3][2]   -0.00196447 
_atom_sites.fract_transf_matrix[3][3]   0.01020150 
_atom_sites.fract_transf_vector[1]      0.005490 
_atom_sites.fract_transf_vector[2]      0.283649 
_atom_sites.fract_transf_vector[3]      0.379044 
_atom_sites.solution_primary            ? 
_atom_sites.solution_secondary          ? 
_atom_sites.solution_hydrogens          ? 
_atom_sites.special_details             ? 
# 
loop_
_atom_type.symbol 
_atom_type.scat_dispersion_real 
_atom_type.scat_dispersion_imag 
_atom_type.scat_Cromer_Mann_a1 
_atom_type.scat_Cromer_Mann_a2 
_atom_type.scat_Cromer_Mann_a3 
_atom_type.scat_Cromer_Mann_a4 
_atom_type.scat_Cromer_Mann_b1 
_atom_type.scat_Cromer_Mann_b2 
_atom_type.scat_Cromer_Mann_b3 
_atom_type.scat_Cromer_Mann_b4 
_atom_type.scat_Cromer_Mann_c 
_atom_type.scat_source 
_atom_type.scat_dispersion_source 
C ? ? 2.51340 1.74867 1.72398 ? 31.80534 0.44561  10.58317 ? 0.0 
;3-Gaussian fit: Grosse-Kunstleve RW, Sauter NK, Adams PD: Newsletter of the IUCr Commission on Crystallographic Computing 2004, 3, 22-31.
;
? 
H ? ? 0.53795 0.34799 0.11320 ? 10.08003 29.74760 2.57510  ? 0.0 
;3-Gaussian fit: Grosse-Kunstleve RW, Sauter NK, Adams PD: Newsletter of the IUCr Commission on Crystallographic Computing 2004, 3, 22-31.
;
? 
N ? ? 2.99955 2.25584 1.72788 ? 23.27268 7.45433  0.31622  ? 0.0 
;3-Gaussian fit: Grosse-Kunstleve RW, Sauter NK, Adams PD: Newsletter of the IUCr Commission on Crystallographic Computing 2004, 3, 22-31.
;
? 
O ? ? 4.49882 3.47563 ?       ? 15.80542 1.70748  ?        ? 0.0 
;2-Gaussian fit: Grosse-Kunstleve RW, Sauter NK, Adams PD: Newsletter of the IUCr Commission on Crystallographic Computing 2004, 3, 22-31.
;
? 
# 
loop_
_atom_site.group_PDB 
_atom_site.id 
_atom_site.type_symbol 
_atom_site.label_atom_id 
_atom_site.label_alt_id 
_atom_site.label_comp_id 
_atom_site.label_asym_id 
_atom_site.label_entity_id 
_atom_site.label_seq_id 
_atom_site.pdbx_PDB_ins_code 
_atom_site.Cartn_x 
_atom_site.Cartn_y 
_atom_site.Cartn_z 
_atom_site.occupancy 
_atom_site.B_iso_or_equiv 
_atom_site.pdbx_formal_charge 
_atom_site.auth_seq_id 
_atom_site.auth_comp_id 
_atom_site.auth_asym_id 
_atom_site.auth_atom_id 
_atom_site.pdbx_PDB_model_num 
HETATM 1   O O1   . Z7Z A 1 1  ? -5.02881  1.63399   -4.96074  1.000 3.43462  ? 1   Z7Z A O1   1 
HETATM 2   C C1   . Z7Z A 1 1  ? -6.17014  1.51551   -4.51355  1.000 3.18986  ? 1   Z7Z A C1   1 
HETATM 3   C C2   . Z7Z A 1 1  ? -7.29961  1.00366   -5.35716  1.000 3.37935  ? 1   Z7Z A C2   1 
HETATM 4   C C3   . Z7Z A 1 1  ? -7.12951  1.06210   -6.72356  1.000 3.81888  ? 1   Z7Z A C3   1 
HETATM 5   C C4   . Z7Z A 1 1  ? -8.12984  0.62369   -7.56784  1.000 3.77150  ? 1   Z7Z A C4   1 
HETATM 6   C C5   . Z7Z A 1 1  ? -8.45649  0.48572   -4.82057  1.000 4.11365  ? 1   Z7Z A C5   1 
HETATM 7   C C6   . Z7Z A 1 1  ? -9.46026  0.03422   -5.66817  1.000 4.17682  ? 1   Z7Z A C6   1 
HETATM 8   C C7   . Z7Z A 1 1  ? -9.30093  0.11898   -7.04607  1.000 3.83204  ? 1   Z7Z A C7   1 
HETATM 9   C C8   . Z7Z A 1 1  ? -10.42459 -0.29760  -7.97158  1.000 4.11365  ? 1   Z7Z A C8   1 
HETATM 10  C C9   . Z7Z A 1 1  ? -10.62784 0.41337   -9.15413  1.000 4.23998  ? 1   Z7Z A C9   1 
HETATM 11  C C10  . Z7Z A 1 1  ? -11.28954 -1.30917  -7.62367  1.000 5.09272  ? 1   Z7Z A C10  1 
HETATM 12  C C11  . Z7Z A 1 1  ? -11.67098 0.08427   -10.00145 1.000 5.05324  ? 1   Z7Z A C11  1 
HETATM 13  C C12  . Z7Z A 1 1  ? -12.33836 -1.63395  -8.47133  1.000 5.64278  ? 1   Z7Z A C12  1 
HETATM 14  C C13  . Z7Z A 1 1  ? -12.53095 -0.93807  -9.65329  1.000 5.88228  ? 1   Z7Z A C13  1 
HETATM 15  H H31  . Z7Z A 1 1  ? -6.20760  1.45455   -7.13671  1.000 4.58000  ? 1   Z7Z A H31  1 
HETATM 16  H H41  . Z7Z A 1 1  ? -7.99432  0.67728   -8.64157  1.000 4.52000  ? 1   Z7Z A H41  1 
HETATM 17  H H51  . Z7Z A 1 1  ? -8.58330  0.43135   -3.74616  1.000 4.94000  ? 1   Z7Z A H51  1 
HETATM 18  H H61  . Z7Z A 1 1  ? -10.36840 -0.38562  -5.25380  1.000 5.01000  ? 1   Z7Z A H61  1 
HETATM 19  H H91  . Z7Z A 1 1  ? -9.96313  1.22931   -9.41154  1.000 5.09000  ? 1   Z7Z A H91  1 
HETATM 20  H H101 . Z7Z A 1 1  ? -11.15292 -1.84900  -6.69499  1.000 6.11000  ? 1   Z7Z A H101 1 
HETATM 21  H H111 . Z7Z A 1 1  ? -11.81068 0.62473   -10.92972 1.000 6.06000  ? 1   Z7Z A H111 1 
HETATM 22  H H121 . Z7Z A 1 1  ? -13.01266 -2.43846  -8.20566  1.000 6.77000  ? 1   Z7Z A H121 1 
HETATM 23  H H131 . Z7Z A 1 1  ? -13.35668 -1.19610  -10.30555 1.000 7.06000  ? 1   Z7Z A H131 1 
HETATM 24  N N    . AIB A 1 2  ? -6.48889  1.94218   -3.20282  1.000 3.58990  ? 2   AIB A N    1 
HETATM 25  C CA   . AIB A 1 2  ? -5.45434  2.54599   -2.40491  1.000 3.70834  ? 2   AIB A CA   1 
HETATM 26  C C    . AIB A 1 2  ? -4.20338  1.64669   -2.33558  1.000 2.90035  ? 2   AIB A C    1 
HETATM 27  O O    . AIB A 1 2  ? -3.06587  2.08719   -2.47445  1.000 3.10564  ? 2   AIB A O    1 
HETATM 28  C CB1  . AIB A 1 2  ? -5.07356  3.94124   -2.94858  1.000 4.29525  ? 2   AIB A CB1  1 
HETATM 29  C CB2  . AIB A 1 2  ? -5.96556  2.68866   -0.96537  1.000 4.32420  ? 2   AIB A CB2  1 
HETATM 30  H H    . AIB A 1 2  ? -7.39113  2.20947   -2.86110  1.000 4.31000  ? 2   AIB A H    1 
HETATM 31  H HB11 . AIB A 1 2  ? -4.20525  4.34524   -2.37536  1.000 5.15000  ? 2   AIB A HB11 1 
HETATM 32  H HB12 . AIB A 1 2  ? -4.79623  3.86249   -4.02758  1.000 5.15000  ? 2   AIB A HB12 1 
HETATM 33  H HB13 . AIB A 1 2  ? -5.93975  4.63621   -2.84232  1.000 5.15000  ? 2   AIB A HB13 1 
HETATM 34  H HB21 . AIB A 1 2  ? -5.17067  3.16597   -0.34163  1.000 5.19000  ? 2   AIB A HB21 1 
HETATM 35  H HB22 . AIB A 1 2  ? -6.88155  3.32783   -0.96589  1.000 5.19000  ? 2   AIB A HB22 1 
HETATM 36  H HB23 . AIB A 1 2  ? -6.20831  1.67660   -0.56188  1.000 5.19000  ? 2   AIB A HB23 1 
ATOM   37  N N    . ALA A 1 3  ? -4.43295  0.35542   -2.07657  1.000 2.89772  ? 3   ALA A N    1 
ATOM   38  C CA   . ALA A 1 3  ? -3.32519  -0.56351  -1.86994  1.000 2.78191  ? 3   ALA A CA   1 
ATOM   39  C C    . ALA A 1 3  ? -2.54335  -0.80649  -3.15882  1.000 2.32659  ? 3   ALA A C    1 
ATOM   40  O O    . ALA A 1 3  ? -1.31015  -0.82232  -3.14479  1.000 2.43187  ? 3   ALA A O    1 
ATOM   41  C CB   . ALA A 1 3  ? -3.82488  -1.88030  -1.27822  1.000 3.45041  ? 3   ALA A CB   1 
ATOM   42  H H    . ALA A 1 3  ? -5.21292  -0.00212  -2.01801  1.000 3.48000  ? 3   ALA A H    1 
ATOM   43  H HA   . ALA A 1 3  ? -2.71100  -0.16496  -1.23332  1.000 3.34000  ? 3   ALA A HA   1 
ATOM   44  H HB1  . ALA A 1 3  ? -4.39298  -2.32230  -1.92743  1.000 4.14000  ? 3   ALA A HB1  1 
ATOM   45  H HB2  . ALA A 1 3  ? -3.06205  -2.44104  -1.06878  1.000 4.14000  ? 3   ALA A HB2  1 
ATOM   46  H HB3  . ALA A 1 3  ? -4.32791  -1.69232  -0.47048  1.000 4.14000  ? 3   ALA A HB3  1 
HETATM 47  N N    . AIB A 1 4  ? -3.25322  -1.01862  -4.26767  1.000 2.51346  ? 4   AIB A N    1 
HETATM 48  C CA   . AIB A 1 4  ? -2.63473  -1.20171  -5.57292  1.000 2.44240  ? 4   AIB A CA   1 
HETATM 49  C C    . AIB A 1 4  ? -1.68269  -0.03074  -5.85989  1.000 2.33712  ? 4   AIB A C    1 
HETATM 50  O O    . AIB A 1 4  ? -0.55025  -0.18281  -6.30322  1.000 2.53978  ? 4   AIB A O    1 
HETATM 51  C CB1  . AIB A 1 4  ? -1.86237  -2.53199  -5.63572  1.000 2.65295  ? 4   AIB A CB1  1 
HETATM 52  C CB2  . AIB A 1 4  ? -3.72042  -1.19147  -6.65823  1.000 2.83981  ? 4   AIB A CB2  1 
HETATM 53  H H    . AIB A 1 4  ? -4.20755  -0.73737  -4.38269  1.000 3.02000  ? 4   AIB A H    1 
HETATM 54  H HB11 . AIB A 1 4  ? -2.56571  -3.38451  -5.47958  1.000 3.18000  ? 4   AIB A HB11 1 
HETATM 55  H HB12 . AIB A 1 4  ? -1.07991  -2.55099  -4.83946  1.000 3.18000  ? 4   AIB A HB12 1 
HETATM 56  H HB13 . AIB A 1 4  ? -1.37377  -2.63704  -6.63334  1.000 3.18000  ? 4   AIB A HB13 1 
HETATM 57  H HB21 . AIB A 1 4  ? -4.38880  -2.07541  -6.51412  1.000 3.41000  ? 4   AIB A HB21 1 
HETATM 58  H HB22 . AIB A 1 4  ? -3.23406  -1.24311  -7.66187  1.000 3.41000  ? 4   AIB A HB22 1 
HETATM 59  H HB23 . AIB A 1 4  ? -4.31433  -0.24883  -6.57121  1.000 3.41000  ? 4   AIB A HB23 1 
ATOM   60  N N    . LEU A 1 5  ? -2.18772  1.18455   -5.61148  1.000 2.26606  ? 5   LEU A N    1 
ATOM   61  C CA   . LEU A 1 5  ? -1.43611  2.39104   -5.90400  1.000 2.34239  ? 5   LEU A CA   1 
ATOM   62  C C    . LEU A 1 5  ? -0.22214  2.55006   -4.97535  1.000 2.26606  ? 5   LEU A C    1 
ATOM   63  O O    . LEU A 1 5  ? 0.88047   2.87489   -5.42634  1.000 2.64769  ? 5   LEU A O    1 
ATOM   64  C CB   . LEU A 1 5  ? -2.37238  3.60186   -5.82056  1.000 2.52662  ? 5   LEU A CB   1 
ATOM   65  C CG   . LEU A 1 5  ? -1.75914  4.96298   -6.15365  1.000 2.88192  ? 5   LEU A CG   1 
ATOM   66  C CD1  . LEU A 1 5  ? -1.19522  5.00669   -7.57341  1.000 3.52674  ? 5   LEU A CD1  1 
ATOM   67  C CD2  . LEU A 1 5  ? -2.82376  6.03237   -5.96254  1.000 3.20565  ? 5   LEU A CD2  1 
ATOM   68  H H    . LEU A 1 5  ? -2.96589  1.32691   -5.27298  1.000 2.72000  ? 5   LEU A H    1 
ATOM   69  H HA   . LEU A 1 5  ? -1.07723  2.34645   -6.80372  1.000 2.81000  ? 5   LEU A HA   1 
ATOM   70  H HB2  . LEU A 1 5  ? -3.10355  3.45904   -6.44242  1.000 3.03000  ? 5   LEU A HB2  1 
ATOM   71  H HB3  . LEU A 1 5  ? -2.71395  3.65693   -4.91438  1.000 3.03000  ? 5   LEU A HB3  1 
ATOM   72  H HG   . LEU A 1 5  ? -1.01066  5.13239   -5.56045  1.000 3.46000  ? 5   LEU A HG   1 
ATOM   73  H HD11 . LEU A 1 5  ? -0.86601  5.90129   -7.75473  1.000 4.23000  ? 5   LEU A HD11 1 
ATOM   74  H HD12 . LEU A 1 5  ? -0.46979  4.36648   -7.64483  1.000 4.23000  ? 5   LEU A HD12 1 
ATOM   75  H HD13 . LEU A 1 5  ? -1.90030  4.77941   -8.19967  1.000 4.23000  ? 5   LEU A HD13 1 
ATOM   76  H HD21 . LEU A 1 5  ? -2.41907  6.90627   -6.07937  1.000 3.85000  ? 5   LEU A HD21 1 
ATOM   77  H HD22 . LEU A 1 5  ? -3.52451  5.90246   -6.62062  1.000 3.85000  ? 5   LEU A HD22 1 
ATOM   78  H HD23 . LEU A 1 5  ? -3.19245  5.95580   -5.06799  1.000 3.85000  ? 5   LEU A HD23 1 
HETATM 79  N N    . AIB A 1 6  ? -0.43895  2.30894   -3.68315  1.000 2.30291  ? 6   AIB A N    1 
HETATM 80  C CA   . AIB A 1 6  ? 0.62712   2.33519   -2.69771  1.000 2.56610  ? 6   AIB A CA   1 
HETATM 81  C C    . AIB A 1 6  ? 1.77803   1.42383   -3.16475  1.000 2.55294  ? 6   AIB A C    1 
HETATM 82  O O    . AIB A 1 6  ? 2.95356   1.77226   -3.14306  1.000 2.88192  ? 6   AIB A O    1 
HETATM 83  C CB1  . AIB A 1 6  ? 1.14358   3.76478   -2.46283  1.000 3.07405  ? 6   AIB A CB1  1 
HETATM 84  C CB2  . AIB A 1 6  ? 0.08484   1.77342   -1.37292  1.000 2.92140  ? 6   AIB A CB2  1 
HETATM 85  H H    . AIB A 1 6  ? -1.32368  2.43300   -3.23027  1.000 2.76000  ? 6   AIB A H    1 
HETATM 86  H HB11 . AIB A 1 6  ? 1.99819   3.74337   -1.74545  1.000 3.69000  ? 6   AIB A HB11 1 
HETATM 87  H HB12 . AIB A 1 6  ? 1.48526   4.20589   -3.42907  1.000 3.69000  ? 6   AIB A HB12 1 
HETATM 88  H HB13 . AIB A 1 6  ? 0.32519   4.39537   -2.04020  1.000 3.69000  ? 6   AIB A HB13 1 
HETATM 89  H HB21 . AIB A 1 6  ? 0.91413   1.73125   -0.62770  1.000 3.50000  ? 6   AIB A HB21 1 
HETATM 90  H HB22 . AIB A 1 6  ? -0.72895  2.44191   -0.99916  1.000 3.50000  ? 6   AIB A HB22 1 
HETATM 91  H HB23 . AIB A 1 6  ? -0.31927  0.74738   -1.55099  1.000 3.50000  ? 6   AIB A HB23 1 
ATOM   92  N N    . ALA A 1 7  ? 1.41852   0.21187   -3.59421  1.000 2.53978  ? 7   ALA A N    1 
ATOM   93  C CA   . ALA A 1 7  ? 2.42119   -0.76715  -3.99929  1.000 2.83981  ? 7   ALA A CA   1 
ATOM   94  C C    . ALA A 1 7  ? 3.12732   -0.37569  -5.29567  1.000 3.04510  ? 7   ALA A C    1 
ATOM   95  O O    . ALA A 1 7  ? 4.34056   -0.55803  -5.41524  1.000 3.60043  ? 7   ALA A O    1 
ATOM   96  C CB   . ALA A 1 7  ? 1.79928   -2.14702  -4.14794  1.000 3.08984  ? 7   ALA A CB   1 
ATOM   97  H H    . ALA A 1 7  ? 0.60591   -0.06209  -3.65936  1.000 3.05000  ? 7   ALA A H    1 
ATOM   98  H HA   . ALA A 1 7  ? 3.09226   -0.80101  -3.29990  1.000 3.41000  ? 7   ALA A HA   1 
ATOM   99  H HB1  . ALA A 1 7  ? 1.37698   -2.39480  -3.31116  1.000 3.71000  ? 7   ALA A HB1  1 
ATOM   100 H HB2  . ALA A 1 7  ? 1.13828   -2.12012  -4.85650  1.000 3.71000  ? 7   ALA A HB2  1 
ATOM   101 H HB3  . ALA A 1 7  ? 2.49585   -2.78444  -4.36951  1.000 3.71000  ? 7   ALA A HB3  1 
HETATM 102 N N    . AIB A 1 8  ? 2.36840   0.12899   -6.26476  1.000 2.90035  ? 8   AIB A N    1 
HETATM 103 C CA   . AIB A 1 8  ? 2.91352   0.59345   -7.53292  1.000 3.38725  ? 8   AIB A CA   1 
HETATM 104 C C    . AIB A 1 8  ? 4.03115   1.61436   -7.27304  1.000 3.35830  ? 8   AIB A C    1 
HETATM 105 O O    . AIB A 1 8  ? 5.14123   1.56022   -7.80634  1.000 3.78993  ? 8   AIB A O    1 
HETATM 106 C CB1  . AIB A 1 8  ? 3.45156   -0.57940  -8.37064  1.000 4.06365  ? 8   AIB A CB1  1 
HETATM 107 C CB2  . AIB A 1 8  ? 1.79414   1.30552   -8.32048  1.000 3.38988  ? 8   AIB A CB2  1 
HETATM 108 H H    . AIB A 1 8  ? 1.39445   -0.07398  -6.37309  1.000 3.48000  ? 8   AIB A H    1 
HETATM 109 H HB11 . AIB A 1 8  ? 2.62304   -1.29330  -8.59392  1.000 4.88000  ? 8   AIB A HB11 1 
HETATM 110 H HB12 . AIB A 1 8  ? 3.87327   -0.19575  -9.32942  1.000 4.88000  ? 8   AIB A HB12 1 
HETATM 111 H HB13 . AIB A 1 8  ? 4.25224   -1.11138  -7.80283  1.000 4.88000  ? 8   AIB A HB13 1 
HETATM 112 H HB21 . AIB A 1 8  ? 0.98390   0.57143   -8.54665  1.000 4.07000  ? 8   AIB A HB21 1 
HETATM 113 H HB22 . AIB A 1 8  ? 1.38756   2.14246   -7.70165  1.000 4.07000  ? 8   AIB A HB22 1 
HETATM 114 H HB23 . AIB A 1 8  ? 2.21780   1.70888   -9.27279  1.000 4.07000  ? 8   AIB A HB23 1 
ATOM   115 N N    . LEU A 1 9  ? 3.70140   2.59078   -6.42432  1.000 2.97404  ? 9   LEU A N    1 
ATOM   116 C CA   . LEU A 1 9  ? 4.63063   3.65511   -6.07813  1.000 2.79244  ? 9   LEU A CA   1 
ATOM   117 C C    . LEU A 1 9  ? 5.84338   3.11638   -5.32252  1.000 3.08984  ? 9   LEU A C    1 
ATOM   118 O O    . LEU A 1 9  ? 6.98689   3.45644   -5.64410  1.000 3.53200  ? 9   LEU A O    1 
ATOM   119 C CB   . LEU A 1 9  ? 3.90771   4.72233   -5.25490  1.000 2.95562  ? 9   LEU A CB   1 
ATOM   120 C CG   . LEU A 1 9  ? 4.75663   5.90038   -4.77249  1.000 3.38198  ? 9   LEU A CG   1 
ATOM   121 C CD1  . LEU A 1 9  ? 5.46859   6.59456   -5.91023  1.000 3.83204  ? 9   LEU A CD1  1 
ATOM   122 C CD2  . LEU A 1 9  ? 3.86202   6.87626   -4.02943  1.000 4.00311  ? 9   LEU A CD2  1 
ATOM   123 H H    . LEU A 1 9  ? 2.93668   2.65483   -6.03488  1.000 3.57000  ? 9   LEU A H    1 
ATOM   124 H HA   . LEU A 1 9  ? 4.96536   4.06936   -6.88910  1.000 3.35000  ? 9   LEU A HA   1 
ATOM   125 H HB2  . LEU A 1 9  ? 3.19408   5.08860   -5.79901  1.000 3.55000  ? 9   LEU A HB2  1 
ATOM   126 H HB3  . LEU A 1 9  ? 3.53873   4.29394   -4.46717  1.000 3.55000  ? 9   LEU A HB3  1 
ATOM   127 H HG   . LEU A 1 9  ? 5.44885   5.56903   -4.17800  1.000 4.06000  ? 9   LEU A HG   1 
ATOM   128 H HD11 . LEU A 1 9  ? 5.91807   7.38369   -5.56777  1.000 4.60000  ? 9   LEU A HD11 1 
ATOM   129 H HD12 . LEU A 1 9  ? 6.11754   5.98509   -6.29546  1.000 4.60000  ? 9   LEU A HD12 1 
ATOM   130 H HD13 . LEU A 1 9  ? 4.81696   6.85045   -6.58146  1.000 4.60000  ? 9   LEU A HD13 1 
ATOM   131 H HD21 . LEU A 1 9  ? 4.40720   7.59227   -3.66711  1.000 4.80000  ? 9   LEU A HD21 1 
ATOM   132 H HD22 . LEU A 1 9  ? 3.20845   7.23993   -4.64755  1.000 4.80000  ? 9   LEU A HD22 1 
ATOM   133 H HD23 . LEU A 1 9  ? 3.41173   6.40748   -3.31007  1.000 4.80000  ? 9   LEU A HD23 1 
HETATM 134 N N    . AIB A 1 10 ? 5.59174   2.28567   -4.31574  1.000 3.36882  ? 10  AIB A N    1 
HETATM 135 C CA   . AIB A 1 10 ? 6.66292   1.68473   -3.55026  1.000 4.15313  ? 10  AIB A CA   1 
HETATM 136 C C    . AIB A 1 10 ? 7.71808   1.05117   -4.47847  1.000 4.73741  ? 10  AIB A C    1 
HETATM 137 O O    . AIB A 1 10 ? 8.93806   1.22215   -4.32510  1.000 5.22694  ? 10  AIB A O    1 
HETATM 138 C CB1  . AIB A 1 10 ? 7.33508   2.73202   -2.64575  1.000 4.44790  ? 10  AIB A CB1  1 
HETATM 139 C CB2  . AIB A 1 10 ? 6.07510   0.56179   -2.68408  1.000 5.12430  ? 10  AIB A CB2  1 
HETATM 140 H H    . AIB A 1 10 ? 4.73720   2.26916   -3.79571  1.000 4.04000  ? 10  AIB A H    1 
HETATM 141 H HB11 . AIB A 1 10 ? 8.18743   2.26337   -2.09771  1.000 5.34000  ? 10  AIB A HB11 1 
HETATM 142 H HB12 . AIB A 1 10 ? 7.71592   3.57659   -3.26666  1.000 5.34000  ? 10  AIB A HB12 1 
HETATM 143 H HB13 . AIB A 1 10 ? 6.59421   3.12288   -1.90820  1.000 5.34000  ? 10  AIB A HB13 1 
HETATM 144 H HB21 . AIB A 1 10 ? 6.90872   -0.05865  -2.27588  1.000 6.15000  ? 10  AIB A HB21 1 
HETATM 145 H HB22 . AIB A 1 10 ? 5.49275   1.01506   -1.84483  1.000 6.15000  ? 10  AIB A HB22 1 
HETATM 146 H HB23 . AIB A 1 10 ? 5.40327   -0.07086  -3.31361  1.000 6.15000  ? 10  AIB A HB23 1 
ATOM   147 N N    A GLN A 1 11 ? 7.21809   0.30469   -5.45200  0.710 5.56646  ? 11  GLN A N    1 
ATOM   148 N N    B GLN A 1 11 ? 7.25518   0.28614   -5.46786  0.290 5.72963  ? 11  GLN A N    1 
ATOM   149 C CA   A GLN A 1 11 ? 8.08388   -0.39748  -6.37246  0.710 7.08506  ? 11  GLN A CA   1 
ATOM   150 C CA   B GLN A 1 11 ? 8.18787   -0.38508  -6.37796  0.290 6.91399  ? 11  GLN A CA   1 
ATOM   151 C C    A GLN A 1 11 ? 8.93885   0.58099   -7.18972  0.710 7.03505  ? 11  GLN A C    1 
ATOM   152 C C    B GLN A 1 11 ? 8.99565   0.63746   -7.15716  0.290 6.92978  ? 11  GLN A C    1 
ATOM   153 O O    A GLN A 1 11 ? 10.14376  0.39737   -7.31877  0.710 8.70631  ? 11  GLN A O    1 
ATOM   154 O O    B GLN A 1 11 ? 10.22075  0.53939   -7.24068  0.290 7.75619  ? 11  GLN A O    1 
ATOM   155 C CB   A GLN A 1 11 ? 7.23179   -1.30795  -7.26168  0.710 8.21151  ? 11  GLN A CB   1 
ATOM   156 C CB   B GLN A 1 11 ? 7.46645   -1.31444  -7.36057  0.290 7.80620  ? 11  GLN A CB   1 
ATOM   157 C CG   A GLN A 1 11 ? 8.00683   -2.37118  -7.99381  0.710 8.90633  ? 11  GLN A CG   1 
ATOM   158 C CG   B GLN A 1 11 ? 8.39087   -1.97772  -8.39594  0.290 8.64314  ? 11  GLN A CG   1 
ATOM   159 C CD   A GLN A 1 11 ? 8.39672   -3.55526  -7.13527  0.710 9.43008  ? 11  GLN A CD   1 
ATOM   160 C CD   B GLN A 1 11 ? 9.48245   -2.82129  -7.76208  0.290 9.69853  ? 11  GLN A CD   1 
ATOM   161 O OE1  A GLN A 1 11 ? 7.82723   -3.81010  -6.07212  0.710 10.99606 ? 11  GLN A OE1  1 
ATOM   162 O OE1  B GLN A 1 11 ? 10.65836  -2.70299  -8.11137  0.290 10.86183 ? 11  GLN A OE1  1 
ATOM   163 N NE2  A GLN A 1 11 ? 9.39428   -4.28279  -7.59643  0.710 8.71157  ? 11  GLN A NE2  1 
ATOM   164 N NE2  B GLN A 1 11 ? 9.09541   -3.68962  -6.83345  0.290 9.89066  ? 11  GLN A NE2  1 
ATOM   165 H H    A GLN A 1 11 ? 6.37800   0.19157   -5.59767  0.710 6.68000  ? 11  GLN A H    1 
ATOM   166 H H    B GLN A 1 11 ? 6.42301   0.14299   -5.63045  0.290 6.88000  ? 11  GLN A H    1 
ATOM   167 H HA   A GLN A 1 11 ? 8.71180   -0.95925  -5.89214  0.710 8.50000  ? 11  GLN A HA   1 
ATOM   168 H HA   B GLN A 1 11 ? 8.78478   -0.93453  -5.84554  0.290 8.30000  ? 11  GLN A HA   1 
ATOM   169 H HB2  A GLN A 1 11 ? 6.57502   -1.75561  -6.70572  0.710 9.85000  ? 11  GLN A HB2  1 
ATOM   170 H HB2  B GLN A 1 11 ? 7.03217   -2.02117  -6.85836  0.290 9.37000  ? 11  GLN A HB2  1 
ATOM   171 H HB3  A GLN A 1 11 ? 6.78518   -0.76110  -7.92702  0.710 9.85000  ? 11  GLN A HB3  1 
ATOM   172 H HB3  B GLN A 1 11 ? 6.80390   -0.79797  -7.84584  0.290 9.37000  ? 11  GLN A HB3  1 
ATOM   173 H HG2  A GLN A 1 11 ? 7.46287   -2.70495  -8.72445  0.710 10.69000 ? 11  GLN A HG2  1 
ATOM   174 H HG2  B GLN A 1 11 ? 7.86127   -2.55481  -8.96780  0.290 10.37000 ? 11  GLN A HG2  1 
ATOM   175 H HG3  A GLN A 1 11 ? 8.82307   -1.97801  -8.34036  0.710 10.69000 ? 11  GLN A HG3  1 
ATOM   176 H HG3  B GLN A 1 11 ? 8.81669   -1.28622  -8.92661  0.290 10.37000 ? 11  GLN A HG3  1 
ATOM   177 H HE21 A GLN A 1 11 ? 9.77428   -4.07033  -8.33843  0.710 10.45000 ? 11  GLN A HE21 1 
ATOM   178 H HE21 B GLN A 1 11 ? 8.26363   -3.75020  -6.62248  0.290 11.87000 ? 11  GLN A HE21 1 
ATOM   179 H HE22 A GLN A 1 11 ? 9.66523   -4.96978  -7.15676  0.710 10.45000 ? 11  GLN A HE22 1 
ATOM   180 H HE22 B GLN A 1 11 ? 9.67615   -4.19055  -6.44546  0.290 11.87000 ? 11  GLN A HE22 1 
HETATM 181 N N    . AIB A 1 12 ? 8.30959   1.61484   -7.73599  1.000 6.65343  ? 12  AIB A N    1 
HETATM 182 C CA   . AIB A 1 12 ? 8.97701   2.63199   -8.52254  1.000 7.22718  ? 12  AIB A CA   1 
HETATM 183 C C    . AIB A 1 12 ? 10.11991  3.30678   -7.75343  1.000 6.59816  ? 12  AIB A C    1 
HETATM 184 O O    . AIB A 1 12 ? 11.18757  3.59785   -8.28451  1.000 7.81409  ? 12  AIB A O    1 
HETATM 185 C CB1  . AIB A 1 12 ? 9.54691   2.06726   -9.83457  1.000 8.55892  ? 12  AIB A CB1  1 
HETATM 186 C CB2  . AIB A 1 12 ? 7.96428   3.73891   -8.85839  1.000 7.90621  ? 12  AIB A CB2  1 
HETATM 187 H H    . AIB A 1 12 ? 7.33354   1.61362   -7.96138  1.000 7.98000  ? 12  AIB A H    1 
HETATM 188 H HB11 . AIB A 1 12 ? 10.04598  2.88322   -10.41000 1.000 10.27000 ? 12  AIB A HB11 1 
HETATM 189 H HB12 . AIB A 1 12 ? 10.29179  1.26867   -9.60729  1.000 10.27000 ? 12  AIB A HB12 1 
HETATM 190 H HB13 . AIB A 1 12 ? 8.72080   1.63606   -10.44809 1.000 10.27000 ? 12  AIB A HB13 1 
HETATM 191 H HB21 . AIB A 1 12 ? 8.47673   4.53209   -9.45516  1.000 9.49000  ? 12  AIB A HB21 1 
HETATM 192 H HB22 . AIB A 1 12 ? 7.12586   3.29886   -9.45027  1.000 9.49000  ? 12  AIB A HB22 1 
HETATM 193 H HB23 . AIB A 1 12 ? 7.57102   4.17345   -7.90767  1.000 9.49000  ? 12  AIB A HB23 1 
ATOM   194 N N    . LEU A 1 13 ? 9.88804   3.54697   -6.46487  1.000 4.90059  ? 13  LEU A N    1 
ATOM   195 C CA   . LEU A 1 13 ? 10.84041  4.32463   -5.67126  1.000 5.08745  ? 13  LEU A CA   1 
ATOM   196 C C    . LEU A 1 13 ? 12.03280  3.52266   -5.19960  1.000 5.46644  ? 13  LEU A C    1 
ATOM   197 O O    . LEU A 1 13 ? 13.06083  4.08065   -4.84714  1.000 7.04032  ? 13  LEU A O    1 
ATOM   198 C CB   . LEU A 1 13 ? 10.16470  4.94526   -4.45428  1.000 4.91112  ? 13  LEU A CB   1 
ATOM   199 C CG   . LEU A 1 13 ? 9.04198   5.90860   -4.78979  1.000 4.87427  ? 13  LEU A CG   1 
ATOM   200 C CD1  . LEU A 1 13 ? 8.42081   6.44700   -3.51012  1.000 4.97954  ? 13  LEU A CD1  1 
ATOM   201 C CD2  . LEU A 1 13 ? 9.51311   7.04262   -5.67468  1.000 6.74555  ? 13  LEU A CD2  1 
ATOM   202 H H    . LEU A 1 13 ? 9.19731   3.27457   -6.03170  1.000 5.88000  ? 13  LEU A H    1 
ATOM   203 H HA   . LEU A 1 13 ? 11.17081  5.02617   -6.25536  1.000 6.10000  ? 13  LEU A HA   1 
ATOM   204 H HB2  . LEU A 1 13 ? 9.79065   4.23336   -3.91150  1.000 5.89000  ? 13  LEU A HB2  1 
ATOM   205 H HB3  . LEU A 1 13 ? 10.83069  5.43455   -3.94637  1.000 5.89000  ? 13  LEU A HB3  1 
ATOM   206 H HG   . LEU A 1 13 ? 8.36429   5.42724   -5.29008  1.000 5.85000  ? 13  LEU A HG   1 
ATOM   207 H HD11 . LEU A 1 13 ? 8.30699   5.71584   -2.88336  1.000 5.97000  ? 13  LEU A HD11 1 
ATOM   208 H HD12 . LEU A 1 13 ? 9.00978   7.11902   -3.13244  1.000 5.97000  ? 13  LEU A HD12 1 
ATOM   209 H HD13 . LEU A 1 13 ? 7.55987   6.84134   -3.71962  1.000 5.97000  ? 13  LEU A HD13 1 
ATOM   210 H HD21 . LEU A 1 13 ? 9.72062   6.69229   -6.55500  1.000 8.10000  ? 13  LEU A HD21 1 
ATOM   211 H HD22 . LEU A 1 13 ? 8.80828   7.70593   -5.74038  1.000 8.10000  ? 13  LEU A HD22 1 
ATOM   212 H HD23 . LEU A 1 13 ? 10.30591  7.44149   -5.28240  1.000 8.10000  ? 13  LEU A HD23 1 
HETATM 213 C C11  A I77 A 1 14 ? 14.67735  -0.39941  -2.99004  0.690 9.41165  ? 14  I77 A C11  1 
HETATM 214 C C11  B I77 A 1 14 ? 14.52940  -0.57928  -3.41672  0.240 8.90633  ? 14  I77 A C11  1 
HETATM 215 C C12  A I77 A 1 14 ? 14.19062  0.77112   -2.42771  0.690 8.14045  ? 14  I77 A C12  1 
HETATM 216 C C12  B I77 A 1 14 ? 14.17537  0.60697   -2.79494  0.240 8.32995  ? 14  I77 A C12  1 
HETATM 217 C C13  A I77 A 1 14 ? 13.03468  1.53219   -3.03920  0.690 6.55079  ? 14  I77 A C13  1 
HETATM 218 C C13  B I77 A 1 14 ? 13.05882  1.46535   -3.38668  0.240 8.01938  ? 14  I77 A C13  1 
HETATM 219 C C17  A I77 A 1 14 ? 14.74101  1.27814   -1.26242  0.690 8.98002  ? 14  I77 A C17  1 
HETATM 220 C C17  B I77 A 1 14 ? 14.85087  1.01589   -1.64683  0.240 8.64314  ? 14  I77 A C17  1 
HETATM 221 C C18  A I77 A 1 14 ? 15.77947  0.58857   -0.69541  0.690 9.50640  ? 14  I77 A C18  1 
HETATM 222 C C18  B I77 A 1 14 ? 15.85087  0.20703   -1.15513  0.240 9.26427  ? 14  I77 A C18  1 
HETATM 223 C C02  A I77 A 1 14 ? 20.36592  -3.58879  1.22569   0.690 12.27516 ? 14  I77 A C02  1 
HETATM 224 C C02  B I77 A 1 14 ? 20.30640  -4.32591  0.31866   0.240 13.53583 ? 14  I77 A C02  1 
HETATM 225 C C03  A I77 A 1 14 ? 19.26459  -2.77725  0.52763   0.690 11.89880 ? 14  I77 A C03  1 
HETATM 226 C C03  B I77 A 1 14 ? 19.19122  -3.44109  -0.27661  0.240 12.82522 ? 14  I77 A C03  1 
HETATM 227 C C04  A I77 A 1 14 ? 18.70941  -3.28230  -0.63265  0.690 11.59350 ? 14  I77 A C04  1 
HETATM 228 C C04  B I77 A 1 14 ? 18.47076  -3.90612  -1.36740  0.240 12.41465 ? 14  I77 A C04  1 
HETATM 229 C C05  A I77 A 1 14 ? 17.72002  -2.53730  -1.23200  0.690 11.06712 ? 14  I77 A C05  1 
HETATM 230 C C05  B I77 A 1 14 ? 17.47519  -3.09051  -1.87310  0.240 11.84879 ? 14  I77 A C05  1 
HETATM 231 C C06  A I77 A 1 14 ? 18.83364  -1.56950  1.05525   0.690 12.01986 ? 14  I77 A C06  1 
HETATM 232 C C06  B I77 A 1 14 ? 18.91498  -2.20093  0.26866   0.240 12.40675 ? 14  I77 A C06  1 
HETATM 233 C C08  A I77 A 1 14 ? 17.34625  -1.33220  -0.66612  0.690 10.91447 ? 14  I77 A C08  1 
HETATM 234 C C08  B I77 A 1 14 ? 17.24738  -1.86021  -1.28554  0.240 11.32767 ? 14  I77 A C08  1 
HETATM 235 C C09  A I77 A 1 14 ? 16.23818  -0.56116  -1.31275  0.690 10.26439 ? 14  I77 A C09  1 
HETATM 236 C C09  B I77 A 1 14 ? 16.15564  -0.96789  -1.82775  0.240 10.02752 ? 14  I77 A C09  1 
HETATM 237 N N01  A I77 A 1 14 ? 20.73459  -3.24685  2.58785   0.690 12.65678 ? 14  I77 A N01  1 
HETATM 238 N N01  B I77 A 1 14 ? 20.72437  -5.51235  -0.41590  0.240 13.90167 ? 14  I77 A N01  1 
HETATM 239 N N07  A I77 A 1 14 ? 17.88515  -0.88907  0.44906   0.690 11.96459 ? 14  I77 A N07  1 
HETATM 240 N N07  B I77 A 1 14 ? 17.96003  -1.46118  -0.25329  0.240 11.97512 ? 14  I77 A N07  1 
HETATM 241 N N10  A I77 A 1 14 ? 15.67723  -1.03529  -2.41127  0.690 10.23281 ? 14  I77 A N10  1 
HETATM 242 N N10  B I77 A 1 14 ? 15.49318  -1.32238  -2.91653  0.240 9.59852  ? 14  I77 A N10  1 
HETATM 243 N N14  A I77 A 1 14 ? 12.86199  1.41741   -4.46686  0.690 5.64541  ? 14  I77 A N14  1 
HETATM 244 N N14  B I77 A 1 14 ? 12.81394  1.36201   -4.82930  0.240 7.61144  ? 14  I77 A N14  1 
HETATM 245 N N15  A I77 A 1 14 ? 11.81419  2.12205   -5.05914  0.690 4.88480  ? 14  I77 A N15  1 
HETATM 246 N N15  B I77 A 1 14 ? 11.80420  2.13367   -5.44667  0.240 6.83503  ? 14  I77 A N15  1 
HETATM 247 O O16  A I77 A 1 14 ? 12.29860  2.17439   -2.35660  0.690 7.05874  ? 14  I77 A O16  1 
HETATM 248 O O16  B I77 A 1 14 ? 12.41118  2.18499   -2.69619  0.240 8.34574  ? 14  I77 A O16  1 
HETATM 249 O O19  A I77 A 1 14 ? 20.89165  -4.48470  0.66198   0.690 12.12514 ? 14  I77 A O19  1 
HETATM 250 O O19  B I77 A 1 14 ? 20.79904  -4.05213  1.35721   0.240 13.84903 ? 14  I77 A O19  1 
HETATM 251 H H111 A I77 A 1 14 ? 14.24093  -0.78811  -3.89710  0.690 11.29000 ? 14  I77 A H111 1 
HETATM 252 H H111 B I77 A 1 14 ? 14.01446  -0.89396  -4.31076  0.240 10.69000 ? 14  I77 A H111 1 
HETATM 253 H H171 A I77 A 1 14 ? 14.36000  2.19390   -0.81228  0.690 10.78000 ? 14  I77 A H171 1 
HETATM 254 H H171 B I77 A 1 14 ? 14.59356  1.95181   -1.15083  0.240 10.37000 ? 14  I77 A H171 1 
HETATM 255 H H181 A I77 A 1 14 ? 16.23702  0.94033   0.22688   0.690 11.41000 ? 14  I77 A H181 1 
HETATM 256 H H181 B I77 A 1 14 ? 16.39389  0.48402   -0.25366  0.240 11.12000 ? 14  I77 A H181 1 
HETATM 257 H H041 A I77 A 1 14 ? 19.03553  -4.21798  -1.04846  0.690 13.91000 ? 14  I77 A H041 1 
HETATM 258 H H041 B I77 A 1 14 ? 18.68036  -4.86469  -1.80475  0.240 14.90000 ? 14  I77 A H041 1 
HETATM 259 H H051 A I77 A 1 14 ? 17.23909  -2.88955  -2.13577  0.690 13.28000 ? 14  I77 A H051 1 
HETATM 260 H H051 B I77 A 1 14 ? 16.88058  -3.41188  -2.71905  0.240 14.22000 ? 14  I77 A H051 1 
HETATM 261 H H061 A I77 A 1 14 ? 19.27665  -1.18837  1.96482   0.690 14.42000 ? 14  I77 A H061 1 
HETATM 262 H H061 B I77 A 1 14 ? 19.47968  -1.84155  1.11769   0.240 14.89000 ? 14  I77 A H061 1 
HETATM 263 H H011 A I77 A 1 14 ? 21.44529  -3.76918  3.05487   0.690 15.19000 ? 14  I77 A H011 1 
HETATM 264 H H011 B I77 A 1 14 ? 21.43954  -6.10008  -0.05619  0.240 16.68000 ? 14  I77 A H011 1 
HETATM 265 H H012 A I77 A 1 14 ? 20.27278  -2.48758  3.06019   0.690 15.19000 ? 14  I77 A H012 1 
HETATM 266 H H012 B I77 A 1 14 ? 20.29588  -5.73439  -1.29878  0.240 16.68000 ? 14  I77 A H012 1 
HETATM 267 H H141 A I77 A 1 14 ? 13.47844  0.84522   -5.01932  0.690 6.77000  ? 14  I77 A H141 1 
HETATM 268 H H141 B I77 A 1 14 ? 13.37054  0.73474   -5.38504  0.240 9.14000  ? 14  I77 A H141 1 
HETATM 269 H H1   A I77 A 1 14 ? 12.02499  2.26058   -6.03592  0.690 5.86000  ? 14  I77 A H1   1 
HETATM 270 H H1   B I77 A 1 14 ? 12.04692  2.23525   -6.42024  0.240 8.20000  ? 14  I77 A H1   1 
HETATM 271 C C1   . Z7Z B 1 1  ? 5.55934   -3.15240  2.30214   1.000 3.20038  ? 1   Z7Z B C1   1 
HETATM 272 O O2   . Z7Z B 1 1  ? 4.40612   -3.31358  2.70524   1.000 3.57938  ? 1   Z7Z B O2   1 
HETATM 273 C C2   . Z7Z B 1 1  ? 6.16300   -4.03962  1.25897   1.000 3.70308  ? 1   Z7Z B C2   1 
HETATM 274 C C3   . Z7Z B 1 1  ? 7.27922   -3.67877  0.53767   1.000 4.15050  ? 1   Z7Z B C3   1 
HETATM 275 C C4   . Z7Z B 1 1  ? 7.79085   -4.56352  -0.40694  1.000 4.51107  ? 1   Z7Z B C4   1 
HETATM 276 C C5   . Z7Z B 1 1  ? 5.54753   -5.25023  1.04460   1.000 3.97416  ? 1   Z7Z B C5   1 
HETATM 277 C C6   . Z7Z B 1 1  ? 6.04763   -6.13027  0.11384   1.000 4.05838  ? 1   Z7Z B C6   1 
HETATM 278 C C7   . Z7Z B 1 1  ? 7.17667   -5.79079  -0.60793  1.000 4.26104  ? 1   Z7Z B C7   1 
HETATM 279 C C8   . Z7Z B 1 1  ? 7.74945   -6.78234  -1.59245  1.000 4.76899  ? 1   Z7Z B C8   1 
HETATM 280 C C9   . Z7Z B 1 1  ? 8.42460   -6.34863  -2.70672  1.000 6.12179  ? 1   Z7Z B C9   1 
HETATM 281 C C10  . Z7Z B 1 1  ? 7.65224   -8.14129  -1.32293  1.000 5.05850  ? 1   Z7Z B C10  1 
HETATM 282 C C11  . Z7Z B 1 1  ? 8.96294   -7.27461  -3.58195  1.000 6.81134  ? 1   Z7Z B C11  1 
HETATM 283 C C12  . Z7Z B 1 1  ? 8.19746   -9.07183  -2.20054  1.000 6.13495  ? 1   Z7Z B C12  1 
HETATM 284 C C13  . Z7Z B 1 1  ? 8.85607   -8.63226  -3.32859  1.000 6.77713  ? 1   Z7Z B C13  1 
HETATM 285 H H31  . Z7Z B 1 1  ? 7.75309   -2.71900  0.70326   1.000 4.98000  ? 1   Z7Z B H31  1 
HETATM 286 H H41  . Z7Z B 1 1  ? 8.66623   -4.29375  -0.98406  1.000 5.41000  ? 1   Z7Z B H41  1 
HETATM 287 H H51  . Z7Z B 1 1  ? 4.66309   -5.51189  1.61182   1.000 4.77000  ? 1   Z7Z B H51  1 
HETATM 288 H H61  . Z7Z B 1 1  ? 5.55936   -7.08354  -0.05254  1.000 4.87000  ? 1   Z7Z B H61  1 
HETATM 289 H H91  . Z7Z B 1 1  ? 8.53363   -5.28846  -2.89949  1.000 7.34000  ? 1   Z7Z B H91  1 
HETATM 290 H H101 . Z7Z B 1 1  ? 7.14945   -8.47844  -0.42460  1.000 6.07000  ? 1   Z7Z B H101 1 
HETATM 291 H H111 . Z7Z B 1 1  ? 9.47409   -6.93426  -4.47352  1.000 8.17000  ? 1   Z7Z B H111 1 
HETATM 292 H H121 . Z7Z B 1 1  ? 8.10482   -10.13185 -1.99973  1.000 7.36000  ? 1   Z7Z B H121 1 
HETATM 293 H H131 . Z7Z B 1 1  ? 9.28913   -9.34809  -4.01611  1.000 8.13000  ? 1   Z7Z B H131 1 
HETATM 294 N N    . AIB B 1 2  ? 6.39522   -2.16376  2.87106   1.000 3.79256  ? 2   AIB B N    1 
HETATM 295 C CA   . AIB B 1 2  ? 5.89191   -1.36592  3.95774   1.000 3.64781  ? 2   AIB B CA   1 
HETATM 296 C C    . AIB B 1 2  ? 4.54217   -0.71622  3.58065   1.000 2.96088  ? 2   AIB B C    1 
HETATM 297 O O    . AIB B 1 2  ? 3.57925   -0.69828  4.33749   1.000 3.16091  ? 2   AIB B O    1 
HETATM 298 C CB1  . AIB B 1 2  ? 5.71740   -2.20203  5.24381   1.000 4.31104  ? 2   AIB B CB1  1 
HETATM 299 C CB2  . AIB B 1 2  ? 6.87464   -0.21920  4.23606   1.000 4.16892  ? 2   AIB B CB2  1 
HETATM 300 H H    . AIB B 1 2  ? 7.38832   -2.26501  2.94671   1.000 4.55000  ? 2   AIB B H    1 
HETATM 301 H HB11 . AIB B 1 2  ? 5.23108   -1.58083  6.03261   1.000 5.17000  ? 2   AIB B HB11 1 
HETATM 302 H HB12 . AIB B 1 2  ? 5.07967   -3.09218  5.03037   1.000 5.17000  ? 2   AIB B HB12 1 
HETATM 303 H HB13 . AIB B 1 2  ? 6.71605   -2.54399  5.60813   1.000 5.17000  ? 2   AIB B HB13 1 
HETATM 304 H HB21 . AIB B 1 2  ? 6.49600   0.38558   5.09496   1.000 5.00000  ? 2   AIB B HB21 1 
HETATM 305 H HB22 . AIB B 1 2  ? 7.87489   -0.64910  4.48642   1.000 5.00000  ? 2   AIB B HB22 1 
HETATM 306 H HB23 . AIB B 1 2  ? 6.95374   0.42234   3.32503   1.000 5.00000  ? 2   AIB B HB23 1 
ATOM   307 N N    . ALA B 1 3  ? 4.50103   -0.13649  2.37472   1.000 2.93719  ? 3   ALA B N    1 
ATOM   308 C CA   . ALA B 1 3  ? 3.33354   0.62295   1.95088   1.000 2.81350  ? 3   ALA B CA   1 
ATOM   309 C C    . ALA B 1 3  ? 2.12492   -0.28748  1.70845   1.000 2.40292  ? 3   ALA B C    1 
ATOM   310 O O    . ALA B 1 3  ? 1.01103   0.03092   2.12835   1.000 2.51083  ? 3   ALA B O    1 
ATOM   311 C CB   . ALA B 1 3  ? 3.65084   1.43848   0.70628   1.000 3.49252  ? 3   ALA B CB   1 
ATOM   312 H H    . ALA B 1 3  ? 5.13370   -0.17111  1.79326   1.000 3.52000  ? 3   ALA B H    1 
ATOM   313 H HA   . ALA B 1 3  ? 3.09432   1.24022   2.65968   1.000 3.38000  ? 3   ALA B HA   1 
ATOM   314 H HB1  . ALA B 1 3  ? 4.40405   2.02034   0.89348   1.000 4.19000  ? 3   ALA B HB1  1 
ATOM   315 H HB2  . ALA B 1 3  ? 3.87211   0.83471   -0.01905  1.000 4.19000  ? 3   ALA B HB2  1 
ATOM   316 H HB3  . ALA B 1 3  ? 2.87368   1.96999   0.47027   1.000 4.19000  ? 3   ALA B HB3  1 
HETATM 317 N N    . AIB B 1 4  ? 2.34567   -1.41465  1.03035   1.000 2.55294  ? 4   AIB B N    1 
HETATM 318 C CA   . AIB B 1 4  ? 1.30353   -2.40085  0.78839   1.000 2.57136  ? 4   AIB B CA   1 
HETATM 319 C C    . AIB B 1 4  ? 0.64331   -2.79465  2.12089   1.000 2.28975  ? 4   AIB B C    1 
HETATM 320 O O    . AIB B 1 4  ? -0.57664  -2.87201  2.26889   1.000 2.76086  ? 4   AIB B O    1 
HETATM 321 C CB1  . AIB B 1 4  ? 0.23859   -1.84830  -0.17448  1.000 2.65558  ? 4   AIB B CB1  1 
HETATM 322 C CB2  . AIB B 1 4  ? 1.92662   -3.67052  0.18213   1.000 2.87666  ? 4   AIB B CB2  1 
HETATM 323 H H    . AIB B 1 4  ? 3.24525   -1.84570  0.93872   1.000 3.06000  ? 4   AIB B H    1 
HETATM 324 H HB11 . AIB B 1 4  ? 0.70908   -1.60735  -1.15688  1.000 3.19000  ? 4   AIB B HB11 1 
HETATM 325 H HB12 . AIB B 1 4  ? -0.21144  -0.92210  0.25414   1.000 3.19000  ? 4   AIB B HB12 1 
HETATM 326 H HB13 . AIB B 1 4  ? -0.56251  -2.61004  -0.32748  1.000 3.19000  ? 4   AIB B HB13 1 
HETATM 327 H HB21 . AIB B 1 4  ? 2.34093   -3.42833  -0.82624  1.000 3.45000  ? 4   AIB B HB21 1 
HETATM 328 H HB22 . AIB B 1 4  ? 1.13767   -4.45629  0.08977   1.000 3.45000  ? 4   AIB B HB22 1 
HETATM 329 H HB23 . AIB B 1 4  ? 2.74489   -4.03195  0.85173   1.000 3.45000  ? 4   AIB B HB23 1 
ATOM   330 N N    . LEU B 1 5  ? 1.49693   -3.07663  3.11292   1.000 2.38450  ? 5   LEU B N    1 
ATOM   331 C CA   . LEU B 1 5  ? 1.02748   -3.53951  4.41221   1.000 2.43450  ? 5   LEU B CA   1 
ATOM   332 C C    . LEU B 1 5  ? 0.28978   -2.43899  5.17501   1.000 2.43977  ? 5   LEU B C    1 
ATOM   333 O O    . LEU B 1 5  ? -0.78147  -2.67770  5.74350   1.000 2.59242  ? 5   LEU B O    1 
ATOM   334 C CB   . LEU B 1 5  ? 2.21412   -4.07435  5.21074   1.000 2.58189  ? 5   LEU B CB   1 
ATOM   335 C CG   . LEU B 1 5  ? 1.89339   -4.67372  6.57891   1.000 2.89508  ? 5   LEU B CG   1 
ATOM   336 C CD1  . LEU B 1 5  ? 0.94907   -5.85597  6.48277   1.000 3.49516  ? 5   LEU B CD1  1 
ATOM   337 C CD2  . LEU B 1 5  ? 3.19504   -5.08970  7.23793   1.000 3.25565  ? 5   LEU B CD2  1 
ATOM   338 H H    . LEU B 1 5  ? 2.35184   -3.00615  3.05319   1.000 2.86000  ? 5   LEU B H    1 
ATOM   339 H HA   . LEU B 1 5  ? 0.38763   -4.25974  4.29509   1.000 2.92000  ? 5   LEU B HA   1 
ATOM   340 H HB2  . LEU B 1 5  ? 2.64132   -4.76983  4.68769   1.000 3.10000  ? 5   LEU B HB2  1 
ATOM   341 H HB3  . LEU B 1 5  ? 2.83344   -3.34143  5.35750   1.000 3.10000  ? 5   LEU B HB3  1 
ATOM   342 H HG   . LEU B 1 5  ? 1.44106   -4.00723  7.11925   1.000 3.48000  ? 5   LEU B HG   1 
ATOM   343 H HD11 . LEU B 1 5  ? 0.80960   -6.22319  7.36964   1.000 4.20000  ? 5   LEU B HD11 1 
ATOM   344 H HD12 . LEU B 1 5  ? 0.10413   -5.55573  6.11245   1.000 4.20000  ? 5   LEU B HD12 1 
ATOM   345 H HD13 . LEU B 1 5  ? 1.34283   -6.52852  5.90468   1.000 4.20000  ? 5   LEU B HD13 1 
ATOM   346 H HD21 . LEU B 1 5  ? 2.99869   -5.48038  8.10470   1.000 3.91000  ? 5   LEU B HD21 1 
ATOM   347 H HD22 . LEU B 1 5  ? 3.63989   -5.74152  6.67464   1.000 3.91000  ? 5   LEU B HD22 1 
ATOM   348 H HD23 . LEU B 1 5  ? 3.75791   -4.30707  7.34814   1.000 3.91000  ? 5   LEU B HD23 1 
HETATM 349 N N    . AIB B 1 6  ? 0.86572   -1.23335  5.16737   1.000 2.49504  ? 6   AIB B N    1 
HETATM 350 C CA   . AIB B 1 6  ? 0.22917   -0.07334  5.77241   1.000 2.54767  ? 6   AIB B CA   1 
HETATM 351 C C    . AIB B 1 6  ? -1.20517  0.07507   5.22831   1.000 2.38450  ? 6   AIB B C    1 
HETATM 352 O O    . AIB B 1 6  ? -2.16678  0.28202   5.95862   1.000 2.82665  ? 6   AIB B O    1 
HETATM 353 C CB1  . AIB B 1 6  ? 0.19906   -0.18656  7.31168   1.000 3.05300  ? 6   AIB B CB1  1 
HETATM 354 C CB2  . AIB B 1 6  ? 1.02845   1.17666   5.37105   1.000 2.82139  ? 6   AIB B CB2  1 
HETATM 355 H H    . AIB B 1 6  ? 1.85080   -1.08168  5.08295   1.000 2.99000  ? 6   AIB B H    1 
HETATM 356 H HB11 . AIB B 1 6  ? -0.38526  0.66194   7.74050   1.000 3.66000  ? 6   AIB B HB11 1 
HETATM 357 H HB12 . AIB B 1 6  ? -0.27943  -1.15022  7.60883   1.000 3.66000  ? 6   AIB B HB12 1 
HETATM 358 H HB13 . AIB B 1 6  ? 1.24048   -0.15405  7.71156   1.000 3.66000  ? 6   AIB B HB13 1 
HETATM 359 H HB21 . AIB B 1 6  ? 0.53574   2.08056   5.80670   1.000 3.38000  ? 6   AIB B HB21 1 
HETATM 360 H HB22 . AIB B 1 6  ? 2.06928   1.08613   5.76454   1.000 3.38000  ? 6   AIB B HB22 1 
HETATM 361 H HB23 . AIB B 1 6  ? 1.04897   1.25501   4.25764   1.000 3.38000  ? 6   AIB B HB23 1 
ATOM   362 N N    . ALA B 1 7  ? -1.32786  -0.01596  3.90189   1.000 2.43187  ? 7   ALA B N    1 
ATOM   363 C CA   . ALA B 1 7  ? -2.62138  0.18316   3.26066   1.000 2.70032  ? 7   ALA B CA   1 
ATOM   364 C C    . ALA B 1 7  ? -3.59350  -0.95431  3.57309   1.000 2.83455  ? 7   ALA B C    1 
ATOM   365 O O    . ALA B 1 7  ? -4.77686  -0.70191  3.78673   1.000 3.29250  ? 7   ALA B O    1 
ATOM   366 C CB   . ALA B 1 7  ? -2.46956  0.32345   1.75624   1.000 2.90824  ? 7   ALA B CB   1 
ATOM   367 H H    . ALA B 1 7  ? -0.68229  -0.19027  3.36109   1.000 2.92000  ? 7   ALA B H    1 
ATOM   368 H HA   . ALA B 1 7  ? -2.99647  1.00675   3.60902   1.000 3.24000  ? 7   ALA B HA   1 
ATOM   369 H HB1  . ALA B 1 7  ? -3.34578  0.46041   1.36198   1.000 3.49000  ? 7   ALA B HB1  1 
ATOM   370 H HB2  . ALA B 1 7  ? -1.89947  1.08416   1.56574   1.000 3.49000  ? 7   ALA B HB2  1 
ATOM   371 H HB3  . ALA B 1 7  ? -2.06991  -0.48602  1.40187   1.000 3.49000  ? 7   ALA B HB3  1 
HETATM 372 N N    . AIB B 1 8  ? -3.09789  -2.19609  3.56489   1.000 2.88719  ? 8   AIB B N    1 
HETATM 373 C CA   . AIB B 1 8  ? -3.90796  -3.35961  3.89309   1.000 3.25039  ? 8   AIB B CA   1 
HETATM 374 C C    . AIB B 1 8  ? -4.59111  -3.14694  5.25733   1.000 3.19512  ? 8   AIB B C    1 
HETATM 375 O O    . AIB B 1 8  ? -5.79184  -3.32976  5.45573   1.000 3.63465  ? 8   AIB B O    1 
HETATM 376 C CB1  . AIB B 1 8  ? -4.96518  -3.63185  2.80742   1.000 3.93995  ? 8   AIB B CB1  1 
HETATM 377 C CB2  . AIB B 1 8  ? -2.98844  -4.58570  4.00130   1.000 3.48726  ? 8   AIB B CB2  1 
HETATM 378 H H    . AIB B 1 8  ? -2.29877  -2.47672  3.03061   1.000 3.46000  ? 8   AIB B H    1 
HETATM 379 H HB11 . AIB B 1 8  ? -5.69165  -2.78608  2.76888   1.000 4.73000  ? 8   AIB B HB11 1 
HETATM 380 H HB12 . AIB B 1 8  ? -4.46627  -3.73307  1.81298   1.000 4.73000  ? 8   AIB B HB12 1 
HETATM 381 H HB13 . AIB B 1 8  ? -5.51115  -4.57647  3.04159   1.000 4.73000  ? 8   AIB B HB13 1 
HETATM 382 H HB21 . AIB B 1 8  ? -2.49757  -4.76191  3.01274   1.000 4.18000  ? 8   AIB B HB21 1 
HETATM 383 H HB22 . AIB B 1 8  ? -2.21341  -4.39167  4.78116   1.000 4.18000  ? 8   AIB B HB22 1 
HETATM 384 H HB23 . AIB B 1 8  ? -3.60045  -5.47624  4.28548   1.000 4.18000  ? 8   AIB B HB23 1 
ATOM   385 N N    . LEU B 1 9  ? -3.76271  -2.76504  6.23111   1.000 3.08195  ? 9   LEU B N    1 
ATOM   386 C CA   . LEU B 1 9  ? -4.22873  -2.53935  7.59058   1.000 2.97141  ? 9   LEU B CA   1 
ATOM   387 C C    . LEU B 1 9  ? -5.20476  -1.36871  7.66413   1.000 3.10827  ? 9   LEU B C    1 
ATOM   388 O O    . LEU B 1 9  ? -6.25980  -1.47319  8.27872   1.000 3.66360  ? 9   LEU B O    1 
ATOM   389 C CB   . LEU B 1 9  ? -3.02408  -2.29999  8.50659   1.000 3.12143  ? 9   LEU B CB   1 
ATOM   390 C CG   . LEU B 1 9  ? -3.34468  -2.00379  9.97439   1.000 3.50042  ? 9   LEU B CG   1 
ATOM   391 C CD1  . LEU B 1 9  ? -4.21306  -3.07013  10.61017  1.000 3.91626  ? 9   LEU B CD1  1 
ATOM   392 C CD2  . LEU B 1 9  ? -2.04599  -1.84710  10.74113  1.000 4.30052  ? 9   LEU B CD2  1 
ATOM   393 H H    . LEU B 1 9  ? -2.92008  -2.62916  6.12466   1.000 3.70000  ? 9   LEU B H    1 
ATOM   394 H HA   . LEU B 1 9  ? -4.70678  -3.32225  7.90477   1.000 3.57000  ? 9   LEU B HA   1 
ATOM   395 H HB2  . LEU B 1 9  ? -2.46834  -3.09482  8.48888   1.000 3.75000  ? 9   LEU B HB2  1 
ATOM   396 H HB3  . LEU B 1 9  ? -2.52804  -1.54052  8.16257   1.000 3.75000  ? 9   LEU B HB3  1 
ATOM   397 H HG   . LEU B 1 9  ? -3.85639  -1.18100  10.01888  1.000 4.20000  ? 9   LEU B HG   1 
ATOM   398 H HD11 . LEU B 1 9  ? -4.28965  -2.88950  11.55980  1.000 4.70000  ? 9   LEU B HD11 1 
ATOM   399 H HD12 . LEU B 1 9  ? -5.09019  -3.04976  10.19710  1.000 4.70000  ? 9   LEU B HD12 1 
ATOM   400 H HD13 . LEU B 1 9  ? -3.80088  -3.93668  10.47041  1.000 4.70000  ? 9   LEU B HD13 1 
ATOM   401 H HD21 . LEU B 1 9  ? -2.24774  -1.61474  11.66069  1.000 5.16000  ? 9   LEU B HD21 1 
ATOM   402 H HD22 . LEU B 1 9  ? -1.55825  -2.68467  10.71066  1.000 5.16000  ? 9   LEU B HD22 1 
ATOM   403 H HD23 . LEU B 1 9  ? -1.51996  -1.14337  10.33039  1.000 5.16000  ? 9   LEU B HD23 1 
HETATM 404 N N    . AIB B 1 10 ? -4.85220  -0.25679  7.01899   1.000 3.21618  ? 10  AIB B N    1 
HETATM 405 C CA   . AIB B 1 10 ? -5.70127  0.91679   6.98898   1.000 3.65307  ? 10  AIB B CA   1 
HETATM 406 C C    . AIB B 1 10 ? -7.12483  0.52482   6.54516   1.000 3.99258  ? 10  AIB B C    1 
HETATM 407 O O    . AIB B 1 10 ? -8.13389  0.94745   7.11348   1.000 4.88480  ? 10  AIB B O    1 
HETATM 408 C CB1  . AIB B 1 10 ? -5.74196  1.60261   8.36374   1.000 4.10312  ? 10  AIB B CB1  1 
HETATM 409 C CB2  . AIB B 1 10 ? -5.16196  1.89463   5.93904   1.000 4.02943  ? 10  AIB B CB2  1 
HETATM 410 H H    . AIB B 1 10 ? -3.90558  -0.00100  6.81634   1.000 3.86000  ? 10  AIB B H    1 
HETATM 411 H HB11 . AIB B 1 10 ? -6.45992  2.45722   8.33666   1.000 4.92000  ? 10  AIB B HB11 1 
HETATM 412 H HB12 . AIB B 1 10 ? -6.07114  0.87148   9.13998   1.000 4.92000  ? 10  AIB B HB12 1 
HETATM 413 H HB13 . AIB B 1 10 ? -4.72648  1.98391   8.62527   1.000 4.92000  ? 10  AIB B HB13 1 
HETATM 414 H HB21 . AIB B 1 10 ? -5.90596  2.71371   5.78840   1.000 4.83000  ? 10  AIB B HB21 1 
HETATM 415 H HB22 . AIB B 1 10 ? -4.19459  2.32093   6.29968   1.000 4.83000  ? 10  AIB B HB22 1 
HETATM 416 H HB23 . AIB B 1 10 ? -5.00078  1.34599   4.97947   1.000 4.83000  ? 10  AIB B HB23 1 
ATOM   417 N N    A GLN B 1 11 ? -7.20089  -0.29841  5.49208   0.830 4.44527  ? 11  GLN B N    1 
ATOM   418 N N    B GLN B 1 11 ? -7.18740  -0.29895  5.50402   0.170 4.45843  ? 11  GLN B N    1 
ATOM   419 C CA   A GLN B 1 11 ? -8.50363  -0.70254  4.94877   0.830 5.24537  ? 11  GLN B CA   1 
ATOM   420 C CA   B GLN B 1 11 ? -8.47014  -0.73128  4.97101   0.170 5.00850  ? 11  GLN B CA   1 
ATOM   421 C C    A GLN B 1 11 ? -9.31744  -1.46282  5.99581   0.830 5.68489  ? 11  GLN B C    1 
ATOM   422 C C    B GLN B 1 11 ? -9.28905  -1.42452  6.04107   0.170 5.30327  ? 11  GLN B C    1 
ATOM   423 O O    A GLN B 1 11 ? -10.50748 -1.20133  6.18149   0.830 6.76923  ? 11  GLN B O    1 
ATOM   424 O O    B GLN B 1 11 ? -10.43706 -1.06514  6.30551   0.170 5.62436  ? 11  GLN B O    1 
ATOM   425 C CB   A GLN B 1 11 ? -8.35251  -1.57865  3.69530   0.830 5.35591  ? 11  GLN B CB   1 
ATOM   426 C CB   B GLN B 1 11 ? -8.27890  -1.68700  3.79773   0.170 5.26116  ? 11  GLN B CB   1 
ATOM   427 C CG   A GLN B 1 11 ? -7.85829  -0.90734  2.38672   0.830 5.98756  ? 11  GLN B CG   1 
ATOM   428 C CG   B GLN B 1 11 ? -9.58948  -2.08177  3.16255   0.170 5.61909  ? 11  GLN B CG   1 
ATOM   429 C CD   A GLN B 1 11 ? -8.79976  0.11602   1.75633   0.830 7.45353  ? 11  GLN B CD   1 
ATOM   430 C CD   B GLN B 1 11 ? -10.28731 -0.87939  2.58522   0.170 6.55342  ? 11  GLN B CD   1 
ATOM   431 O OE1  A GLN B 1 11 ? -8.35173  1.03283   1.06869   0.830 8.69578  ? 11  GLN B OE1  1 
ATOM   432 O OE1  B GLN B 1 11 ? -11.18410 -0.31135  3.20499   0.170 7.23508  ? 11  GLN B OE1  1 
ATOM   433 N NE2  A GLN B 1 11 ? -10.09989 -0.05051  1.96050   0.830 8.91949  ? 11  GLN B NE2  1 
ATOM   434 N NE2  B GLN B 1 11 ? -9.86183  -0.46829  1.40119   0.170 6.87714  ? 11  GLN B NE2  1 
ATOM   435 H H    A GLN B 1 11 ? -6.52341  -0.63051  5.08077   0.830 5.33000  ? 11  GLN B H    1 
ATOM   436 H H    B GLN B 1 11 ? -6.50454  -0.61872  5.09222   0.170 5.35000  ? 11  GLN B H    1 
ATOM   437 H HA   A GLN B 1 11 ? -8.98124  0.10156   4.69145   0.830 6.29000  ? 11  GLN B HA   1 
ATOM   438 H HA   B GLN B 1 11 ? -8.95174  0.05047   4.65598   0.170 6.01000  ? 11  GLN B HA   1 
ATOM   439 H HB2  A GLN B 1 11 ? -7.71754  -2.28259  3.90216   0.830 6.43000  ? 11  GLN B HB2  1 
ATOM   440 H HB2  B GLN B 1 11 ? -7.73248  -1.25532  3.12240   0.170 6.31000  ? 11  GLN B HB2  1 
ATOM   441 H HB3  A GLN B 1 11 ? -9.22092  -1.96290  3.49796   0.830 6.43000  ? 11  GLN B HB3  1 
ATOM   442 H HB3  B GLN B 1 11 ? -7.83989  -2.49282  4.11340   0.170 6.31000  ? 11  GLN B HB3  1 
ATOM   443 H HG2  A GLN B 1 11 ? -7.02520  -0.44974  2.57761   0.830 7.19000  ? 11  GLN B HG2  1 
ATOM   444 H HG2  B GLN B 1 11 ? -9.42506  -2.71572  2.44776   0.170 6.74000  ? 11  GLN B HG2  1 
ATOM   445 H HG3  A GLN B 1 11 ? -7.71072  -1.60329  1.72694   0.830 7.19000  ? 11  GLN B HG3  1 
ATOM   446 H HG3  B GLN B 1 11 ? -10.16709 -2.47981  3.83310   0.170 6.74000  ? 11  GLN B HG3  1 
ATOM   447 H HE21 A GLN B 1 11 ? -10.38041 -0.71429  2.43175   0.830 10.70000 ? 11  GLN B HE21 1 
ATOM   448 H HE21 B GLN B 1 11 ? -9.22104  -0.88384  1.00639   0.170 8.25000  ? 11  GLN B HE21 1 
ATOM   449 H HE22 A GLN B 1 11 ? -10.66322 0.50499   1.62279   0.830 10.70000 ? 11  GLN B HE22 1 
ATOM   450 H HE22 B GLN B 1 11 ? -10.22709 0.21405   1.02634   0.170 8.25000  ? 11  GLN B HE22 1 
HETATM 451 N N    . AIB B 1 12 ? -8.68059  -2.43298  6.64724   1.000 5.41118  ? 12  AIB B N    1 
HETATM 452 C CA   . AIB B 1 12 ? -9.33063  -3.24548  7.64973   1.000 6.04020  ? 12  AIB B CA   1 
HETATM 453 C C    . AIB B 1 12 ? -9.89722  -2.40658  8.79538   1.000 6.48499  ? 12  AIB B C    1 
HETATM 454 O O    . AIB B 1 12 ? -10.98142 -2.65167  9.31725   1.000 8.40101  ? 12  AIB B O    1 
HETATM 455 C CB1  . AIB B 1 12 ? -10.46690 -4.09419  7.04857   1.000 7.19560  ? 12  AIB B CB1  1 
HETATM 456 C CB2  . AIB B 1 12 ? -8.28599  -4.17943  8.27744   1.000 6.27180  ? 12  AIB B CB2  1 
HETATM 457 H H    . AIB B 1 12 ? -7.87168  -2.90735  6.29613   1.000 6.49000  ? 12  AIB B H    1 
HETATM 458 H HB11 . AIB B 1 12 ? -10.86812 -4.78915  7.82461   1.000 8.64000  ? 12  AIB B HB11 1 
HETATM 459 H HB12 . AIB B 1 12 ? -11.28784 -3.42695  6.69397   1.000 8.64000  ? 12  AIB B HB12 1 
HETATM 460 H HB13 . AIB B 1 12 ? -10.07862 -4.68942  6.18875   1.000 8.64000  ? 12  AIB B HB13 1 
HETATM 461 H HB21 . AIB B 1 12 ? -8.77993  -4.80819  9.05716   1.000 7.53000  ? 12  AIB B HB21 1 
HETATM 462 H HB22 . AIB B 1 12 ? -7.85456  -4.83239  7.47932   1.000 7.53000  ? 12  AIB B HB22 1 
HETATM 463 H HB23 . AIB B 1 12 ? -7.47816  -3.56314  8.74101   1.000 7.53000  ? 12  AIB B HB23 1 
ATOM   464 N N    . LEU B 1 13 ? -9.13622  -1.39666  9.19673   1.000 5.49803  ? 13  LEU B N    1 
ATOM   465 C CA   . LEU B 1 13 ? -9.51607  -0.61222  10.36982  1.000 6.72712  ? 13  LEU B CA   1 
ATOM   466 C C    . LEU B 1 13 ? -10.59812 0.39636   10.06064  1.000 9.01424  ? 13  LEU B C    1 
ATOM   467 O O    . LEU B 1 13 ? -11.38885 0.74001   10.92835  1.000 10.35650 ? 13  LEU B O    1 
ATOM   468 C CB   . LEU B 1 13 ? -8.31432  0.10517   10.97765  1.000 5.84807  ? 13  LEU B CB   1 
ATOM   469 C CG   . LEU B 1 13 ? -7.17416  -0.80399  11.42394  1.000 5.21641  ? 13  LEU B CG   1 
ATOM   470 C CD1  . LEU B 1 13 ? -6.02631  0.01454   11.98420  1.000 5.77701  ? 13  LEU B CD1  1 
ATOM   471 C CD2  . LEU B 1 13 ? -7.64017  -1.82323  12.45459  1.000 6.29549  ? 13  LEU B CD2  1 
ATOM   472 H H    . LEU B 1 13 ? -8.40726  -1.14776  8.81383   1.000 6.60000  ? 13  LEU B H    1 
ATOM   473 H HA   . LEU B 1 13 ? -9.86394  -1.23339  11.02812  1.000 8.07000  ? 13  LEU B HA   1 
ATOM   474 H HB2  . LEU B 1 13 ? -7.95668  0.71639   10.31507  1.000 7.02000  ? 13  LEU B HB2  1 
ATOM   475 H HB3  . LEU B 1 13 ? -8.61517  0.59865   11.75687  1.000 7.02000  ? 13  LEU B HB3  1 
ATOM   476 H HG   . LEU B 1 13 ? -6.85900  -1.29143  10.64767  1.000 6.26000  ? 13  LEU B HG   1 
ATOM   477 H HD11 . LEU B 1 13 ? -6.31180  0.43452   12.81148  1.000 6.93000  ? 13  LEU B HD11 1 
ATOM   478 H HD12 . LEU B 1 13 ? -5.27363  -0.57256  12.15476  1.000 6.93000  ? 13  LEU B HD12 1 
ATOM   479 H HD13 . LEU B 1 13 ? -5.77738  0.69329   11.33780  1.000 6.93000  ? 13  LEU B HD13 1 
ATOM   480 H HD21 . LEU B 1 13 ? -6.86825  -2.29541  12.80396  1.000 7.55000  ? 13  LEU B HD21 1 
ATOM   481 H HD22 . LEU B 1 13 ? -8.09723  -1.35850  13.17414  1.000 7.55000  ? 13  LEU B HD22 1 
ATOM   482 H HD23 . LEU B 1 13 ? -8.24626  -2.44885  12.02784  1.000 7.55000  ? 13  LEU B HD23 1 
HETATM 483 C C11  . I77 B 1 14 ? -11.76416 5.34685   10.49914  1.000 13.12526 ? 14  I77 B C11  1 
HETATM 484 C C12  . I77 B 1 14 ? -11.83405 4.45702   9.44547   1.000 13.18053 ? 14  I77 B C12  1 
HETATM 485 C C13  . I77 B 1 14 ? -10.91270 3.25232   9.44238   1.000 13.29896 ? 14  I77 B C13  1 
HETATM 486 C C17  . I77 B 1 14 ? -12.76908 4.63389   8.42327   1.000 13.22001 ? 14  I77 B C17  1 
HETATM 487 C C18  . I77 B 1 14 ? -13.59121 5.73633   8.48624   1.000 12.79627 ? 14  I77 B C18  1 
HETATM 488 C C02  . I77 B 1 14 ? -16.79361 11.23872  9.84803   1.000 12.48834 ? 14  I77 B C02  1 
HETATM 489 C C03  . I77 B 1 14 ? -15.89302 9.99532   9.79398   1.000 11.33294 ? 14  I77 B C03  1 
HETATM 490 C C04  . I77 B 1 14 ? -15.02275 9.75437   10.84409  1.000 12.06460 ? 14  I77 B C04  1 
HETATM 491 C C05  . I77 B 1 14 ? -14.22783 8.63138   10.76196  1.000 12.19883 ? 14  I77 B C05  1 
HETATM 492 C C06  . I77 B 1 14 ? -15.96883 9.13503   8.71860   1.000 10.47757 ? 14  I77 B C06  1 
HETATM 493 C C08  . I77 B 1 14 ? -14.34176 7.80524   9.65776   1.000 11.70667 ? 14  I77 B C08  1 
HETATM 494 C C09  . I77 B 1 14 ? -13.46268 6.58844   9.56942   1.000 12.28568 ? 14  I77 B C09  1 
HETATM 495 N N01  . I77 B 1 14 ? -16.51781 12.28055  10.82303  1.000 13.71217 ? 14  I77 B N01  1 
HETATM 496 N N07  . I77 B 1 14 ? -15.19659 8.07053   8.68752   1.000 10.89078 ? 14  I77 B N07  1 
HETATM 497 N N10  . I77 B 1 14 ? -12.57009 6.38107   10.52146  1.000 12.85944 ? 14  I77 B N10  1 
HETATM 498 N N14  . I77 B 1 14 ? -11.37681 2.07171   8.71946   1.000 12.24357 ? 14  I77 B N14  1 
HETATM 499 N N15  . I77 B 1 14 ? -10.58033 0.91532   8.73104   1.000 10.68549 ? 14  I77 B N15  1 
HETATM 500 O O16  . I77 B 1 14 ? -9.88422  3.27449   10.03042  1.000 14.59386 ? 14  I77 B O16  1 
HETATM 501 O O19  . I77 B 1 14 ? -17.71421 11.36461  9.11731   1.000 12.18304 ? 14  I77 B O19  1 
HETATM 502 H H111 . I77 B 1 14 ? -11.05402 5.19301   11.29643  1.000 15.75000 ? 14  I77 B H111 1 
HETATM 503 H H171 . I77 B 1 14 ? -12.84507 3.92204   7.60190   1.000 15.86000 ? 14  I77 B H171 1 
HETATM 504 H H181 . I77 B 1 14 ? -14.32226 5.93263   7.70411   1.000 15.36000 ? 14  I77 B H181 1 
HETATM 505 H H041 . I77 B 1 14 ? -14.96977 10.41550  11.68816  1.000 14.48000 ? 14  I77 B H041 1 
HETATM 506 H H051 . I77 B 1 14 ? -13.52385 8.39856   11.55092  1.000 14.64000 ? 14  I77 B H051 1 
HETATM 507 H H061 . I77 B 1 14 ? -16.65657 9.33499   7.90863   1.000 12.57000 ? 14  I77 B H061 1 
HETATM 508 H H011 . I77 B 1 14 ? -15.74768 12.20125  11.45272  1.000 16.46000 ? 14  I77 B H011 1 
HETATM 509 H H012 . I77 B 1 14 ? -17.11410 13.09251  10.85224  1.000 16.46000 ? 14  I77 B H012 1 
HETATM 510 H H141 . I77 B 1 14 ? -12.25170 2.08642   8.22290   1.000 14.69000 ? 14  I77 B H141 1 
HETATM 511 H H1   . I77 B 1 14 ? -11.13140 0.12324   8.43498   1.000 12.82000 ? 14  I77 B H1   1 
HETATM 512 N N    . CCN C 2 .  ? -11.54815 1.73154   -3.06926  1.000 10.19596 ? 101 CCN A N    1 
HETATM 513 C C1   . CCN C 2 .  ? -12.18887 1.39008   -3.96265  1.000 10.15911 ? 101 CCN A C1   1 
HETATM 514 C C2   . CCN C 2 .  ? -12.96861 0.94524   -5.09783  1.000 11.21713 ? 101 CCN A C2   1 
HETATM 515 H H21  . CCN C 2 .  ? -12.63003 1.34997   -5.91174  1.000 13.46000 ? 101 CCN A H21  1 
HETATM 516 H H22  . CCN C 2 .  ? -12.91427 -0.01968  -5.18024  1.000 13.46000 ? 101 CCN A H22  1 
HETATM 517 H H23  . CCN C 2 .  ? -13.89756 1.19975   -4.98233  1.000 13.46000 ? 101 CCN A H23  1 
HETATM 518 N N    . CCN D 2 .  ? -9.79233  -1.35893  -1.99814  1.000 22.14476 ? 102 CCN A N    1 
HETATM 519 C C1   . CCN D 2 .  ? -10.51113 -1.88528  -2.72973  1.000 22.82642 ? 102 CCN A C1   1 
HETATM 520 C C2   . CCN D 2 .  ? -11.43415 -2.53523  -3.64261  1.000 23.21857 ? 102 CCN A C2   1 
HETATM 521 H H21  . CCN D 2 .  ? -11.86223 -1.87285  -4.20755  1.000 27.86000 ? 102 CCN A H21  1 
HETATM 522 H H22  . CCN D 2 .  ? -10.95596 -3.16578  -4.20310  1.000 27.86000 ? 102 CCN A H22  1 
HETATM 523 H H23  . CCN D 2 .  ? -12.11517 -3.01135  -3.14301  1.000 27.86000 ? 102 CCN A H23  1 
HETATM 524 N N    . CCN E 2 .  ? -3.89195  3.93981   3.53599   1.000 5.46118  ? 101 CCN B N    1 
HETATM 525 C C1   . CCN E 2 .  ? -4.81976  3.39291   3.13140   1.000 4.72425  ? 101 CCN B C1   1 
HETATM 526 C C2   . CCN E 2 .  ? -5.98121  2.68533   2.64696   1.000 5.64015  ? 101 CCN B C2   1 
HETATM 527 H H21  . CCN E 2 .  ? -5.73173  1.79263   2.36164   1.000 6.77000  ? 101 CCN B H21  1 
HETATM 528 H H22  . CCN E 2 .  ? -6.64596  2.61684   3.35054   1.000 6.77000  ? 101 CCN B H22  1 
HETATM 529 H H23  . CCN E 2 .  ? -6.36893  3.15947   1.89378   1.000 6.77000  ? 101 CCN B H23  1 
HETATM 530 N N    . CCN F 2 .  ? 6.92312   3.96405   7.02744   1.000 7.22981  ? 102 CCN B N    1 
HETATM 531 C C1   . CCN F 2 .  ? 7.50744   3.55105   6.12549   1.000 6.14547  ? 102 CCN B C1   1 
HETATM 532 C C2   . CCN F 2 .  ? 8.23527   3.05120   4.98393   1.000 6.90083  ? 102 CCN B C2   1 
HETATM 533 H H21  . CCN F 2 .  ? 8.84176   3.73177   4.65222   1.000 8.28000  ? 102 CCN B H21  1 
HETATM 534 H H22  . CCN F 2 .  ? 8.74989   2.26765   5.23586   1.000 8.28000  ? 102 CCN B H22  1 
HETATM 535 H H23  . CCN F 2 .  ? 7.61846   2.80759   4.27696   1.000 8.28000  ? 102 CCN B H23  1 
HETATM 536 O O    . HOH G 3 .  ? 11.67008  -1.75295  -6.36082  1.000 27.61910 ? 201 HOH A O    1 
HETATM 537 O O    . HOH G 3 .  ? 5.13578   -3.65249  -6.16894  1.000 49.47698 ? 202 HOH A O    1 
HETATM 538 O O    . HOH G 3 .  ? 15.40221  3.77545   -3.43135  1.000 10.24070 ? 203 HOH A O    1 
HETATM 539 O O    . HOH G 3 .  ? 11.92614  4.63552   -10.79085 1.000 38.89940 ? 204 HOH A O    1 
HETATM 540 O O    . HOH G 3 .  ? 19.88827  -1.39790  4.53902   1.000 38.66516 ? 205 HOH A O    1 
HETATM 541 O O    . HOH G 3 .  ? 13.22155  1.69909   -8.82183  1.000 22.85800 ? 206 HOH A O    1 
HETATM 542 O O    . HOH G 3 .  ? -6.98357  -0.75441  -1.19076  1.000 7.71145  ? 207 HOH A O    1 
HETATM 543 O O    . HOH G 3 .  ? 9.57175   -0.96524  -1.84881  1.000 37.36764 ? 208 HOH A O    1 
HETATM 544 O O    . HOH G 3 .  ? 11.50857  -4.54018  -0.99040  1.000 38.99678 ? 209 HOH A O    1 
HETATM 545 O O    . HOH H 3 .  ? -11.56744 1.20687   5.04038   1.000 31.43272 ? 201 HOH B O    1 
HETATM 546 O O    . HOH H 3 .  ? -17.77949 14.51488  11.29990  1.000 40.74436 ? 202 HOH B O    1 
HETATM 547 O O    . HOH H 3 .  ? -8.98790  1.43958   -1.61793  1.000 8.38522  ? 203 HOH B O    1 
HETATM 548 O O    . HOH H 3 .  ? -11.71537 -5.08875  10.71507  1.000 45.46861 ? 204 HOH B O    1 
HETATM 549 O O    . HOH H 3 .  ? -19.71108 9.26791   8.84120   1.000 17.53894 ? 205 HOH B O    1 
HETATM 550 O O    . HOH H 3 .  ? -11.76380 7.71946   13.01955  1.000 29.29562 ? 206 HOH B O    1 
HETATM 551 O O    . HOH H 3 .  ? 6.84710   0.28849   0.63516   1.000 8.26678  ? 207 HOH B O    1 
HETATM 552 O O    . HOH H 3 .  ? 9.06785   -1.05878  1.86844   1.000 13.56478 ? 208 HOH B O    1 
HETATM 553 O O    . HOH H 3 .  ? -13.38151 -1.69402  7.32492   1.000 28.68502 ? 209 HOH B O    1 
HETATM 554 O O    . HOH H 3 .  ? -16.54753 6.37653   6.13365   1.000 41.17336 ? 210 HOH B O    1 
# 
loop_
_atom_site_anisotrop.id 
_atom_site_anisotrop.type_symbol 
_atom_site_anisotrop.pdbx_label_atom_id 
_atom_site_anisotrop.pdbx_label_alt_id 
_atom_site_anisotrop.pdbx_label_comp_id 
_atom_site_anisotrop.pdbx_label_asym_id 
_atom_site_anisotrop.pdbx_label_seq_id 
_atom_site_anisotrop.pdbx_PDB_ins_code 
_atom_site_anisotrop.U[1][1] 
_atom_site_anisotrop.U[2][2] 
_atom_site_anisotrop.U[3][3] 
_atom_site_anisotrop.U[1][2] 
_atom_site_anisotrop.U[1][3] 
_atom_site_anisotrop.U[2][3] 
_atom_site_anisotrop.pdbx_auth_seq_id 
_atom_site_anisotrop.pdbx_auth_comp_id 
_atom_site_anisotrop.pdbx_auth_asym_id 
_atom_site_anisotrop.pdbx_auth_atom_id 
1   O O1  . Z7Z A 1  ? 0.04296 0.02952 0.05802 0.00683  0.00258  0.00908  1   Z7Z A O1  
2   C C1  . Z7Z A 1  ? 0.04561 0.02146 0.05413 0.01167  0.00111  0.00892  1   Z7Z A C1  
3   C C2  . Z7Z A 1  ? 0.04958 0.01959 0.05923 0.00913  0.00344  0.00846  1   Z7Z A C2  
4   C C3  . Z7Z A 1  ? 0.05016 0.02561 0.06933 0.00833  0.00464  0.00413  1   Z7Z A C3  
5   C C4  . Z7Z A 1  ? 0.05142 0.03231 0.05957 0.00706  0.00543  0.00343  1   Z7Z A C4  
6   C C5  . Z7Z A 1  ? 0.05486 0.03588 0.06556 0.00027  -0.00052 0.02061  1   Z7Z A C5  
7   C C6  . Z7Z A 1  ? 0.05647 0.03579 0.06644 -0.00318 -0.00231 0.01812  1   Z7Z A C6  
8   C C7  . Z7Z A 1  ? 0.05371 0.02508 0.06681 0.00679  0.00180  0.00537  1   Z7Z A C7  
9   C C8  . Z7Z A 1  ? 0.05614 0.03084 0.06932 0.00064  -0.00091 0.00165  1   Z7Z A C8  
10  C C9  . Z7Z A 1  ? 0.06241 0.03604 0.06265 0.00098  0.00367  0.00166  1   Z7Z A C9  
11  C C10 . Z7Z A 1  ? 0.06652 0.05179 0.07519 -0.01190 -0.00326 0.00530  1   Z7Z A C10 
12  C C11 . Z7Z A 1  ? 0.07084 0.05043 0.07073 -0.00754 -0.00120 0.00533  1   Z7Z A C11 
13  C C12 . Z7Z A 1  ? 0.07699 0.06042 0.07698 -0.01679 -0.00033 0.00277  1   Z7Z A C12 
14  C C13 . Z7Z A 1  ? 0.07368 0.07006 0.07975 -0.01419 -0.00594 0.00481  1   Z7Z A C13 
24  N N   . AIB A 2  ? 0.04311 0.02565 0.06764 0.00850  0.00797  0.01046  2   AIB A N   
25  C CA  . AIB A 2  ? 0.04772 0.02530 0.06788 0.00355  0.01093  0.00070  2   AIB A CA  
26  C C   . AIB A 2  ? 0.04513 0.02386 0.04121 0.00075  0.00753  -0.00086 2   AIB A C   
27  O O   . AIB A 2  ? 0.04212 0.02510 0.05078 0.00041  0.00810  0.00099  2   AIB A O   
28  C CB1 . AIB A 2  ? 0.05215 0.02445 0.08660 0.00803  0.00885  0.00259  2   AIB A CB1 
29  C CB2 . AIB A 2  ? 0.05303 0.03752 0.07374 -0.00059 0.01938  -0.01011 2   AIB A CB2 
37  N N   . ALA A 3  ? 0.04193 0.02244 0.04573 -0.00004 0.00662  0.00507  3   ALA A N   
38  C CA  . ALA A 3  ? 0.04456 0.02429 0.03685 0.00004  0.00281  0.00940  3   ALA A CA  
39  C C   . ALA A 3  ? 0.03951 0.01263 0.03626 0.00123  0.00070  0.00820  3   ALA A C   
40  O O   . ALA A 3  ? 0.03986 0.01686 0.03568 0.00524  0.00364  0.00528  3   ALA A O   
41  C CB  . ALA A 3  ? 0.05005 0.03122 0.04983 0.00470  0.00813  0.01467  3   ALA A CB  
47  N N   . AIB A 4  ? 0.03881 0.01651 0.04017 0.00382  -0.00069 0.01087  4   AIB A N   
48  C CA  . AIB A 4  ? 0.04273 0.01271 0.03736 0.00278  0.00335  0.00571  4   AIB A CA  
49  C C   . AIB A 4  ? 0.04102 0.01862 0.02916 0.00289  -0.00223 0.00852  4   AIB A C   
50  O O   . AIB A 4  ? 0.04202 0.01557 0.03890 0.00213  0.00479  0.00548  4   AIB A O   
51  C CB1 . AIB A 4  ? 0.04587 0.01295 0.04197 0.00179  0.00229  0.00546  4   AIB A CB1 
52  C CB2 . AIB A 4  ? 0.04348 0.01814 0.04628 -0.00150 -0.00188 0.00811  4   AIB A CB2 
60  N N   . LEU A 5  ? 0.03705 0.01355 0.03551 0.00271  0.00049  0.00596  5   LEU A N   
61  C CA  . LEU A 5  ? 0.04097 0.01556 0.03247 0.00218  0.00348  0.00846  5   LEU A CA  
62  C C   . LEU A 5  ? 0.03770 0.01103 0.03736 0.00181  -0.00057 0.00574  5   LEU A C   
63  O O   . LEU A 5  ? 0.04043 0.02071 0.03946 -0.00415 0.00290  0.00686  5   LEU A O   
64  C CB  . LEU A 5  ? 0.04734 0.01584 0.03282 0.00081  0.00066  0.00770  5   LEU A CB  
65  C CG  . LEU A 5  ? 0.05377 0.01625 0.03948 0.00085  -0.00184 0.00829  5   LEU A CG  
66  C CD1 . LEU A 5  ? 0.05679 0.01901 0.05819 -0.00035 0.00857  0.00929  5   LEU A CD1 
67  C CD2 . LEU A 5  ? 0.06145 0.01886 0.04148 0.00301  0.00037  0.00915  5   LEU A CD2 
79  N N   . AIB A 6  ? 0.04046 0.01243 0.03461 0.00021  0.00162  0.00620  6   AIB A N   
80  C CA  . AIB A 6  ? 0.04431 0.01757 0.03561 0.00035  -0.00009 0.00390  6   AIB A CA  
81  C C   . AIB A 6  ? 0.04267 0.02119 0.03314 -0.00470 -0.00280 0.00982  6   AIB A C   
82  O O   . AIB A 6  ? 0.04143 0.02301 0.04505 -0.00262 0.00081  0.00378  6   AIB A O   
83  C CB1 . AIB A 6  ? 0.04997 0.02294 0.04389 -0.00464 0.00110  -0.00046 6   AIB A CB1 
84  C CB2 . AIB A 6  ? 0.05084 0.02629 0.03387 0.00111  -0.00420 0.00520  6   AIB A CB2 
92  N N   . ALA A 7  ? 0.04259 0.01626 0.03765 -0.00104 -0.00335 0.00475  7   ALA A N   
93  C CA  . ALA A 7  ? 0.04501 0.01932 0.04356 0.00512  -0.00106 0.00250  7   ALA A CA  
94  C C   . ALA A 7  ? 0.04412 0.01873 0.05285 -0.00031 0.00134  -0.00379 7   ALA A C   
95  O O   . ALA A 7  ? 0.04337 0.03281 0.06062 0.00508  0.00353  0.00031  7   ALA A O   
96  C CB  . ALA A 7  ? 0.04689 0.01920 0.05131 0.00640  0.00573  0.00661  7   ALA A CB  
102 N N   . AIB A 8  ? 0.03954 0.02453 0.04613 -0.00112 0.00331  0.00100  8   AIB A N   
103 C CA  . AIB A 8  ? 0.04951 0.03683 0.04236 -0.00347 0.01056  -0.00063 8   AIB A CA  
104 C C   . AIB A 8  ? 0.04649 0.03959 0.04152 -0.00088 0.00802  0.00257  8   AIB A C   
105 O O   . AIB A 8  ? 0.05006 0.04429 0.04964 -0.00324 0.01768  -0.00506 8   AIB A O   
106 C CB1 . AIB A 8  ? 0.05552 0.04513 0.05375 -0.00592 0.01471  -0.01124 8   AIB A CB1 
107 C CB2 . AIB A 8  ? 0.04762 0.04302 0.03816 -0.00573 0.00314  0.00374  8   AIB A CB2 
115 N N   . LEU A 9  ? 0.03931 0.02950 0.04419 -0.00204 0.00839  0.00602  9   LEU A N   
116 C CA  . LEU A 9  ? 0.04247 0.02449 0.03915 -0.00265 0.00439  0.00675  9   LEU A CA  
117 C C   . LEU A 9  ? 0.04157 0.02628 0.04955 -0.00301 0.00626  0.00065  9   LEU A C   
118 O O   . LEU A 9  ? 0.03766 0.03577 0.06077 -0.00262 0.00545  0.00755  9   LEU A O   
119 C CB  . LEU A 9  ? 0.04456 0.02231 0.04543 0.00233  -0.00029 0.00537  9   LEU A CB  
120 C CG  . LEU A 9  ? 0.05163 0.02577 0.05111 -0.00083 -0.00892 0.00780  9   LEU A CG  
121 C CD1 . LEU A 9  ? 0.05009 0.02998 0.06553 -0.00180 -0.00823 0.01148  9   LEU A CD1 
122 C CD2 . LEU A 9  ? 0.06806 0.03144 0.05260 -0.00564 -0.00410 0.00257  9   LEU A CD2 
134 N N   . AIB A 10 ? 0.04561 0.02827 0.05412 -0.00103 0.00562  0.00574  10  AIB A N   
135 C CA  . AIB A 10 ? 0.05248 0.04119 0.06412 0.00189  -0.00614 0.00955  10  AIB A CA  
136 C C   . AIB A 10 ? 0.05391 0.04404 0.08205 0.01003  -0.01187 -0.00086 10  AIB A C   
137 O O   . AIB A 10 ? 0.05116 0.06018 0.08726 0.00935  -0.00449 -0.00253 10  AIB A O   
138 C CB1 . AIB A 10 ? 0.05443 0.05100 0.06357 -0.00381 -0.00403 0.00203  10  AIB A CB1 
139 C CB2 . AIB A 10 ? 0.05705 0.05517 0.08248 -0.00386 -0.01439 0.02836  10  AIB A CB2 
147 N N   A GLN A 11 ? 0.05894 0.04607 0.10649 0.02010  -0.01274 -0.02174 11  GLN A N   
148 N N   B GLN A 11 ? 0.05822 0.05221 0.10727 0.01407  -0.00860 -0.01637 11  GLN A N   
149 C CA  A GLN A 11 ? 0.06373 0.07444 0.13103 0.02672  -0.01564 -0.03718 11  GLN A CA  
150 C CA  B GLN A 11 ? 0.06211 0.07325 0.12734 0.01686  -0.00465 -0.02909 11  GLN A CA  
151 C C   A GLN A 11 ? 0.06055 0.09857 0.10818 0.02770  -0.00481 -0.04667 11  GLN A C   
152 C C   B GLN A 11 ? 0.05989 0.09392 0.10950 0.01806  0.00186  -0.04019 11  GLN A C   
153 O O   A GLN A 11 ? 0.06770 0.12765 0.13545 0.03287  0.00449  -0.04739 11  GLN A O   
154 O O   B GLN A 11 ? 0.06150 0.10293 0.13027 0.02147  0.00824  -0.04480 11  GLN A O   
155 C CB  A GLN A 11 ? 0.08606 0.07381 0.15213 0.02568  -0.00625 -0.03940 11  GLN A CB  
156 C CB  B GLN A 11 ? 0.07232 0.06997 0.15431 0.01876  0.00157  -0.03091 11  GLN A CB  
157 C CG  A GLN A 11 ? 0.10313 0.07994 0.15533 0.02639  0.00493  -0.03198 11  GLN A CG  
158 C CG  B GLN A 11 ? 0.08120 0.07547 0.17173 0.02010  0.00959  -0.02856 11  GLN A CG  
159 C CD  A GLN A 11 ? 0.11877 0.09800 0.14153 0.02427  0.01993  -0.02207 11  GLN A CD  
160 C CD  B GLN A 11 ? 0.08632 0.08816 0.19402 0.02080  0.01147  -0.01815 11  GLN A CD  
161 O OE1 A GLN A 11 ? 0.13034 0.11651 0.17095 0.02203  0.03510  -0.02305 11  GLN A OE1 
162 O OE1 B GLN A 11 ? 0.09037 0.10927 0.21306 0.01463  0.01086  -0.00631 11  GLN A OE1 
163 N NE2 A GLN A 11 ? 0.12207 0.08543 0.12350 0.02624  0.02357  -0.01446 11  GLN A NE2 
164 N NE2 B GLN A 11 ? 0.08663 0.09105 0.19812 0.02121  0.01036  -0.01269 11  GLN A NE2 
181 N N   . AIB A 12 ? 0.05591 0.11676 0.08013 0.01101  0.00108  -0.03833 12  AIB A N   
182 C CA  . AIB A 12 ? 0.05600 0.15205 0.06655 -0.00893 0.00884  -0.01048 12  AIB A CA  
183 C C   . AIB A 12 ? 0.05040 0.13351 0.06680 -0.01050 0.01343  -0.00470 12  AIB A C   
184 O O   . AIB A 12 ? 0.05716 0.16271 0.07704 -0.01999 0.02004  -0.00039 12  AIB A O   
185 C CB1 . AIB A 12 ? 0.06627 0.17448 0.08445 -0.01462 0.01807  -0.02285 12  AIB A CB1 
186 C CB2 . AIB A 12 ? 0.05787 0.17460 0.06793 -0.01484 0.00546  0.01690  12  AIB A CB2 
194 N N   . LEU A 13 ? 0.04029 0.08218 0.06373 0.00272  0.01077  -0.00889 13  LEU A N   
195 C CA  . LEU A 13 ? 0.04372 0.07805 0.07153 -0.00209 0.00502  -0.00097 13  LEU A CA  
196 C C   . LEU A 13 ? 0.04989 0.08223 0.07558 0.00457  0.00786  0.00220  13  LEU A C   
197 O O   . LEU A 13 ? 0.04799 0.09732 0.12219 -0.00460 -0.00295 0.00850  13  LEU A O   
198 C CB  . LEU A 13 ? 0.04683 0.06472 0.07505 -0.00274 -0.00155 -0.00284 13  LEU A CB  
199 C CG  . LEU A 13 ? 0.04916 0.05154 0.08450 -0.00248 -0.00128 -0.00694 13  LEU A CG  
200 C CD1 . LEU A 13 ? 0.05000 0.04949 0.08971 -0.00516 0.00102  -0.01541 13  LEU A CD1 
201 C CD2 . LEU A 13 ? 0.06626 0.07378 0.11626 -0.00414 0.01258  0.00944  13  LEU A CD2 
213 C C11 A I77 A 14 ? 0.07555 0.12054 0.16150 0.02253  0.02725  0.06997  14  I77 A C11 
214 C C11 B I77 A 14 ? 0.07437 0.18357 0.08047 0.04584  0.02034  0.05562  14  I77 A C11 
215 C C12 A I77 A 14 ? 0.06656 0.11214 0.13059 0.01475  0.01773  0.05754  14  I77 A C12 
216 C C12 B I77 A 14 ? 0.07145 0.17327 0.07177 0.04234  0.01791  0.04861  14  I77 A C12 
217 C C13 A I77 A 14 ? 0.06057 0.09205 0.09628 0.01687  0.01450  0.03182  14  I77 A C13 
218 C C13 B I77 A 14 ? 0.07132 0.15185 0.08153 0.03234  0.02108  0.03892  14  I77 A C13 
219 C C17 A I77 A 14 ? 0.06636 0.13486 0.13998 0.00395  0.01015  0.07339  14  I77 A C17 
220 C C17 B I77 A 14 ? 0.07107 0.18422 0.07311 0.04315  0.01621  0.04931  14  I77 A C17 
221 C C18 A I77 A 14 ? 0.06777 0.14566 0.14777 0.00557  0.01145  0.08625  14  I77 A C18 
222 C C18 B I77 A 14 ? 0.07401 0.19501 0.08299 0.04562  0.01928  0.05760  14  I77 A C18 
223 C C02 A I77 A 14 ? 0.08659 0.17321 0.20660 0.02909  0.03372  0.11081  14  I77 A C02 
224 C C02 B I77 A 14 ? 0.09174 0.25191 0.17066 0.03639  0.02192  0.10872  14  I77 A C02 
225 C C03 A I77 A 14 ? 0.08314 0.17318 0.19577 0.02576  0.02874  0.10869  14  I77 A C03 
226 C C03 B I77 A 14 ? 0.08897 0.24677 0.15156 0.03854  0.02313  0.10177  14  I77 A C03 
227 C C04 A I77 A 14 ? 0.08277 0.18224 0.17549 0.02777  0.02746  0.10575  14  I77 A C04 
228 C C04 B I77 A 14 ? 0.08751 0.24043 0.14376 0.04013  0.02458  0.09703  14  I77 A C04 
229 C C05 A I77 A 14 ? 0.07895 0.17691 0.16463 0.02878  0.02711  0.10069  14  I77 A C05 
230 C C05 B I77 A 14 ? 0.08539 0.23179 0.13302 0.04192  0.02433  0.09069  14  I77 A C05 
231 C C06 A I77 A 14 ? 0.08345 0.16949 0.20375 0.02115  0.02554  0.10955  14  I77 A C06 
232 C C06 B I77 A 14 ? 0.08735 0.24176 0.14229 0.03948  0.02325  0.09788  14  I77 A C06 
233 C C08 A I77 A 14 ? 0.07813 0.17286 0.16371 0.02232  0.02165  0.09986  14  I77 A C08 
234 C C08 B I77 A 14 ? 0.08280 0.22542 0.12218 0.04228  0.02394  0.08428  14  I77 A C08 
235 C C09 A I77 A 14 ? 0.07482 0.15126 0.16392 0.01700  0.02049  0.09327  14  I77 A C09 
236 C C09 B I77 A 14 ? 0.07808 0.20472 0.09820 0.04582  0.02237  0.06756  14  I77 A C09 
237 N N01 A I77 A 14 ? 0.09141 0.16915 0.22034 0.03103  0.03885  0.11180  14  I77 A N01 
238 N N01 B I77 A 14 ? 0.09362 0.25351 0.18107 0.03671  0.02141  0.11048  14  I77 A N01 
239 N N07 A I77 A 14 ? 0.08399 0.18044 0.19017 0.01871  0.02182  0.10992  14  I77 A N07 
240 N N07 B I77 A 14 ? 0.08516 0.23604 0.13380 0.04044  0.02367  0.09091  14  I77 A N07 
241 N N10 A I77 A 14 ? 0.07816 0.13999 0.17065 0.02069  0.02655  0.08376  14  I77 A N10 
242 N N10 B I77 A 14 ? 0.07655 0.19563 0.09252 0.04611  0.02248  0.06233  14  I77 A N10 
243 N N14 A I77 A 14 ? 0.05301 0.08767 0.07382 0.02117  0.00888  0.02183  14  I77 A N14 
244 N N14 B I77 A 14 ? 0.06719 0.12860 0.09341 0.02338  0.02077  0.02941  14  I77 A N14 
245 N N15 A I77 A 14 ? 0.04902 0.07785 0.05873 0.01716  0.00572  0.01173  14  I77 A N15 
246 N N15 B I77 A 14 ? 0.06014 0.10745 0.09210 0.01368  0.01815  0.01941  14  I77 A N15 
247 O O16 A I77 A 14 ? 0.06989 0.11506 0.08325 0.01790  0.01406  0.02779  14  I77 A O16 
248 O O16 B I77 A 14 ? 0.07488 0.15535 0.08686 0.03241  0.02119  0.03576  14  I77 A O16 
249 O O19 A I77 A 14 ? 0.08844 0.17444 0.19781 0.03198  0.03507  0.10887  14  I77 A O19 
250 O O19 B I77 A 14 ? 0.09198 0.25250 0.18171 0.03379  0.02079  0.11114  14  I77 A O19 
271 C C1  . Z7Z B 1  ? 0.04811 0.03267 0.04082 0.01310  -0.00195 0.00777  1   Z7Z B C1  
272 O O2  . Z7Z B 1  ? 0.04555 0.03593 0.05452 0.00944  -0.00034 0.01013  1   Z7Z B O2  
273 C C2  . Z7Z B 1  ? 0.05186 0.03883 0.05001 0.01548  -0.00483 0.01784  1   Z7Z B C2  
274 C C3  . Z7Z B 1  ? 0.06395 0.03353 0.06021 0.01636  0.00699  0.01540  1   Z7Z B C3  
275 C C4  . Z7Z B 1  ? 0.07149 0.04195 0.05797 0.01738  0.01085  0.01247  1   Z7Z B C4  
276 C C5  . Z7Z B 1  ? 0.04855 0.04794 0.05451 0.01246  -0.00907 0.00958  1   Z7Z B C5  
277 C C6  . Z7Z B 1  ? 0.05413 0.04623 0.05384 0.01312  -0.00731 0.00611  1   Z7Z B C6  
278 C C7  . Z7Z B 1  ? 0.06079 0.04806 0.05306 0.02054  -0.00568 0.01087  1   Z7Z B C7  
279 C C8  . Z7Z B 1  ? 0.06812 0.05268 0.06040 0.01740  -0.00324 -0.00189 1   Z7Z B C8  
280 C C9  . Z7Z B 1  ? 0.08797 0.06900 0.07564 0.01286  0.01187  -0.00297 1   Z7Z B C9  
281 C C10 . Z7Z B 1  ? 0.06958 0.05369 0.06894 0.01121  -0.00600 -0.00492 1   Z7Z B C10 
282 C C11 . Z7Z B 1  ? 0.10086 0.08693 0.07102 0.00655  0.01628  -0.00476 1   Z7Z B C11 
283 C C12 . Z7Z B 1  ? 0.08774 0.06703 0.07833 0.01260  0.00918  -0.00754 1   Z7Z B C12 
284 C C13 . Z7Z B 1  ? 0.09786 0.07580 0.08384 0.00888  0.01677  -0.00711 1   Z7Z B C13 
294 N N   . AIB B 2  ? 0.04424 0.05192 0.04794 0.01097  -0.00293 0.01410  2   AIB B N   
295 C CA  . AIB B 2  ? 0.04560 0.05101 0.04199 0.00690  -0.00012 0.00593  2   AIB B CA  
296 C C   . AIB B 2  ? 0.04125 0.02813 0.04312 -0.00153 0.00050  0.00034  2   AIB B C   
297 O O   . AIB B 2  ? 0.03669 0.03465 0.04877 0.00173  0.00044  0.00542  2   AIB B O   
298 C CB1 . AIB B 2  ? 0.04621 0.07037 0.04723 0.01172  -0.00659 0.01488  2   AIB B CB1 
299 C CB2 . AIB B 2  ? 0.04454 0.06671 0.04716 -0.00144 -0.00422 0.00070  2   AIB B CB2 
307 N N   . ALA B 3  ? 0.04018 0.03092 0.04050 -0.00040 0.00251  0.00627  3   ALA B N   
308 C CA  . ALA B 3  ? 0.04217 0.01919 0.04554 0.00094  0.00248  0.00407  3   ALA B CA  
309 C C   . ALA B 3  ? 0.04253 0.01683 0.03194 0.00368  0.00227  0.00949  3   ALA B C   
310 O O   . ALA B 3  ? 0.03825 0.01771 0.03944 0.00099  0.00167  0.00559  3   ALA B O   
311 C CB  . ALA B 3  ? 0.04068 0.03105 0.06097 -0.00233 0.00319  0.01539  3   ALA B CB  
317 N N   . AIB B 4  ? 0.04087 0.01918 0.03695 0.00527  0.00210  0.00946  4   AIB B N   
318 C CA  . AIB B 4  ? 0.04553 0.01482 0.03735 0.00208  0.00001  0.00372  4   AIB B CA  
319 C C   . AIB B 4  ? 0.03939 0.01059 0.03702 0.00204  0.00041  0.00363  4   AIB B C   
320 O O   . AIB B 4  ? 0.04345 0.02390 0.03756 0.00020  0.00104  0.00779  4   AIB B O   
321 C CB1 . AIB B 4  ? 0.04861 0.02119 0.03110 -0.00175 -0.00702 0.00680  4   AIB B CB1 
322 C CB2 . AIB B 4  ? 0.05107 0.02287 0.03536 0.00360  0.00113  0.00406  4   AIB B CB2 
330 N N   . LEU B 5  ? 0.04008 0.01542 0.03510 0.00254  -0.00089 0.01099  5   LEU B N   
331 C CA  . LEU B 5  ? 0.04207 0.01328 0.03715 -0.00128 -0.00048 0.00839  5   LEU B CA  
332 C C   . LEU B 5  ? 0.04062 0.01948 0.03261 0.00068  -0.00497 0.01011  5   LEU B C   
333 O O   . LEU B 5  ? 0.04216 0.02104 0.03530 -0.00150 0.00410  0.00756  5   LEU B O   
334 C CB  . LEU B 5  ? 0.04725 0.01526 0.03559 0.00389  -0.00044 0.00759  5   LEU B CB  
335 C CG  . LEU B 5  ? 0.05712 0.01940 0.03347 0.00491  0.00264  0.00897  5   LEU B CG  
336 C CD1 . LEU B 5  ? 0.05874 0.03780 0.03626 -0.00179 0.00163  0.02018  5   LEU B CD1 
337 C CD2 . LEU B 5  ? 0.05831 0.02617 0.03922 -0.00193 -0.00908 0.01298  5   LEU B CD2 
349 N N   . AIB B 6  ? 0.03948 0.01825 0.03707 0.00030  -0.00172 0.00850  6   AIB B N   
350 C CA  . AIB B 6  ? 0.04120 0.01818 0.03742 0.00368  0.00076  0.00301  6   AIB B CA  
351 C C   . AIB B 6  ? 0.03961 0.01214 0.03885 0.00377  0.00202  0.00445  6   AIB B C   
352 O O   . AIB B 6  ? 0.04052 0.02666 0.04022 0.00391  0.00435  0.00524  6   AIB B O   
353 C CB1 . AIB B 6  ? 0.04292 0.03661 0.03647 0.00417  0.00010  0.00729  6   AIB B CB1 
354 C CB2 . AIB B 6  ? 0.04492 0.01976 0.04252 -0.00153 -0.00055 0.00122  6   AIB B CB2 
362 N N   . ALA B 7  ? 0.03787 0.01719 0.03734 0.00261  0.00226  0.00510  7   ALA B N   
363 C CA  . ALA B 7  ? 0.03965 0.02172 0.04123 0.00407  -0.00012 0.00734  7   ALA B CA  
364 C C   . ALA B 7  ? 0.04330 0.02989 0.03451 0.00071  -0.00081 0.00398  7   ALA B C   
365 O O   . ALA B 7  ? 0.04089 0.03570 0.04850 0.00303  -0.00052 0.00749  7   ALA B O   
366 C CB  . ALA B 7  ? 0.03764 0.03006 0.04279 -0.00185 -0.00083 0.01071  7   ALA B CB  
372 N N   . AIB B 8  ? 0.04203 0.02787 0.03980 -0.00152 0.00074  0.00647  8   AIB B N   
373 C CA  . AIB B 8  ? 0.04693 0.03014 0.04643 -0.00957 0.00203  0.00557  8   AIB B CA  
374 C C   . AIB B 8  ? 0.04547 0.02581 0.05013 -0.00920 0.00183  0.01080  8   AIB B C   
375 O O   . AIB B 8  ? 0.04489 0.03750 0.05571 -0.01371 0.00273  0.01133  8   AIB B O   
376 C CB1 . AIB B 8  ? 0.04872 0.04520 0.05578 -0.01606 0.00137  0.00116  8   AIB B CB1 
377 C CB2 . AIB B 8  ? 0.05455 0.02586 0.05209 -0.00888 0.00834  0.00324  8   AIB B CB2 
385 N N   . LEU B 9  ? 0.04492 0.03053 0.04165 -0.00703 0.00409  0.01062  9   LEU B N   
386 C CA  . LEU B 9  ? 0.04614 0.02721 0.03955 -0.00010 0.00528  0.00683  9   LEU B CA  
387 C C   . LEU B 9  ? 0.04201 0.03685 0.03924 -0.00219 0.00100  0.00971  9   LEU B C   
388 O O   . LEU B 9  ? 0.04034 0.04272 0.05614 0.00176  0.00998  0.01755  9   LEU B O   
389 C CB  . LEU B 9  ? 0.04718 0.02456 0.04686 0.00445  0.00259  0.00612  9   LEU B CB  
390 C CG  . LEU B 9  ? 0.06012 0.02713 0.04574 0.00769  0.00168  0.00694  9   LEU B CG  
391 C CD1 . LEU B 9  ? 0.06157 0.03764 0.04960 0.01231  0.00568  0.00860  9   LEU B CD1 
392 C CD2 . LEU B 9  ? 0.06670 0.03748 0.05922 -0.00218 -0.00406 0.00329  9   LEU B CD2 
404 N N   . AIB B 10 ? 0.04107 0.03068 0.05045 0.00067  0.00516  0.01228  10  AIB B N   
405 C CA  . AIB B 10 ? 0.04694 0.03725 0.05462 0.00511  0.00751  0.01246  10  AIB B CA  
406 C C   . AIB B 10 ? 0.04733 0.04701 0.05736 0.00612  0.00421  0.02140  10  AIB B C   
407 O O   . AIB B 10 ? 0.04438 0.05863 0.08259 0.01370  0.01232  0.01946  10  AIB B O   
408 C CB1 . AIB B 10 ? 0.05353 0.04283 0.05954 0.00344  0.00859  0.00701  10  AIB B CB1 
409 C CB2 . AIB B 10 ? 0.05460 0.03283 0.06566 0.00522  0.01475  0.01658  10  AIB B CB2 
417 N N   A GLN B 11 ? 0.05083 0.05662 0.06145 0.00886  -0.00022 0.01447  11  GLN B N   
418 N N   B GLN B 11 ? 0.05137 0.05671 0.06132 -0.00033 0.00053  0.01627  11  GLN B N   
419 C CA  A GLN B 11 ? 0.04877 0.07163 0.07891 0.01154  -0.00997 0.01011  11  GLN B CA  
420 C CA  B GLN B 11 ? 0.05387 0.06826 0.06817 -0.00688 -0.00423 0.01222  11  GLN B CA  
421 C C   A GLN B 11 ? 0.04161 0.08233 0.09206 0.00338  -0.01142 0.01120  11  GLN B C   
422 C C   B GLN B 11 ? 0.04956 0.06867 0.08327 -0.00814 -0.00208 0.00953  11  GLN B C   
423 O O   A GLN B 11 ? 0.03630 0.10243 0.11846 0.00728  -0.01391 0.00721  11  GLN B O   
424 O O   B GLN B 11 ? 0.04886 0.06932 0.09552 -0.00824 -0.00287 0.00793  11  GLN B O   
425 C CB  A GLN B 11 ? 0.06263 0.07060 0.07027 0.00719  -0.00839 0.01144  11  GLN B CB  
426 C CB  B GLN B 11 ? 0.06268 0.07711 0.06011 -0.01573 -0.00787 0.01212  11  GLN B CB  
427 C CG  A GLN B 11 ? 0.06975 0.07107 0.08668 -0.00039 0.00073  0.01439  11  GLN B CG  
428 C CG  B GLN B 11 ? 0.06717 0.08780 0.05853 -0.02347 -0.01403 0.01720  11  GLN B CG  
429 C CD  A GLN B 11 ? 0.07604 0.09339 0.11377 0.00037  0.00483  0.04184  11  GLN B CD  
430 C CD  B GLN B 11 ? 0.07405 0.10326 0.07169 -0.02614 -0.01123 0.02398  11  GLN B CD  
431 O OE1 A GLN B 11 ? 0.07540 0.11588 0.13912 -0.01432 -0.01071 0.06243  11  GLN B OE1 
432 O OE1 B GLN B 11 ? 0.07612 0.11537 0.08340 -0.03222 -0.01363 0.02642  11  GLN B OE1 
433 N NE2 A GLN B 11 ? 0.08217 0.12331 0.13342 0.00636  0.01299  0.07038  11  GLN B NE2 
434 N NE2 B GLN B 11 ? 0.07936 0.10331 0.07863 -0.02139 -0.00283 0.02645  11  GLN B NE2 
451 N N   . AIB B 12 ? 0.04771 0.06852 0.08937 -0.00776 0.00488  0.00802  12  AIB B N   
452 C CA  . AIB B 12 ? 0.05739 0.06897 0.10314 -0.01161 0.02411  0.01220  12  AIB B CA  
453 C C   . AIB B 12 ? 0.05477 0.07528 0.11636 -0.00396 0.02755  0.01489  12  AIB B C   
454 O O   . AIB B 12 ? 0.06934 0.09398 0.15588 -0.01677 0.04525  0.00556  12  AIB B O   
455 C CB1 . AIB B 12 ? 0.05928 0.09526 0.11887 -0.02536 0.01810  0.00813  12  AIB B CB1 
456 C CB2 . AIB B 12 ? 0.06504 0.06212 0.11114 -0.01045 0.02974  0.02561  12  AIB B CB2 
464 N N   . LEU B 13 ? 0.05120 0.07652 0.08118 0.01170  0.01689  0.01678  13  LEU B N   
465 C CA  . LEU B 13 ? 0.07223 0.08516 0.09821 0.02442  0.03696  0.02193  13  LEU B CA  
466 C C   . LEU B 13 ? 0.08975 0.11105 0.14170 0.04293  0.05055  0.04418  13  LEU B C   
467 O O   . LEU B 13 ? 0.10230 0.12433 0.16687 0.04444  0.06090  0.03917  13  LEU B O   
468 C CB  . LEU B 13 ? 0.07631 0.06643 0.07945 0.01504  0.03252  0.00657  13  LEU B CB  
469 C CG  . LEU B 13 ? 0.07493 0.06020 0.06307 0.00217  0.02174  -0.00226 13  LEU B CG  
470 C CD1 . LEU B 13 ? 0.08454 0.06939 0.06557 -0.00976 0.01962  0.00025  13  LEU B CD1 
471 C CD2 . LEU B 13 ? 0.07825 0.06767 0.09328 -0.00428 0.01635  0.00707  13  LEU B CD2 
483 C C11 . I77 B 14 ? 0.12129 0.14189 0.23552 0.04204  0.06566  0.08609  14  I77 B C11 
484 C C12 . I77 B 14 ? 0.12345 0.14419 0.23317 0.05187  0.06698  0.08734  14  I77 B C12 
485 C C13 . I77 B 14 ? 0.12485 0.15360 0.22685 0.05774  0.06172  0.08424  14  I77 B C13 
486 C C17 . I77 B 14 ? 0.12137 0.14614 0.23479 0.05028  0.06878  0.09133  14  I77 B C17 
487 C C18 . I77 B 14 ? 0.11890 0.13296 0.23433 0.04516  0.06705  0.08444  14  I77 B C18 
488 C C02 . I77 B 14 ? 0.12303 0.11146 0.24000 0.00268  0.03857  0.02320  14  I77 B C02 
489 C C03 . I77 B 14 ? 0.11150 0.08997 0.22913 0.01004  0.04567  0.03139  14  I77 B C03 
490 C C04 . I77 B 14 ? 0.11073 0.11217 0.23550 0.00629  0.04164  0.03900  14  I77 B C04 
491 C C05 . I77 B 14 ? 0.11074 0.11793 0.23483 0.00937  0.04603  0.04966  14  I77 B C05 
492 C C06 . I77 B 14 ? 0.10488 0.08318 0.21003 0.01602  0.05165  0.04133  14  I77 B C06 
493 C C08 . I77 B 14 ? 0.10795 0.10881 0.22804 0.02346  0.05440  0.05815  14  I77 B C08 
494 C C09 . I77 B 14 ? 0.11413 0.12218 0.23049 0.03569  0.06306  0.07358  14  I77 B C09 
495 N N01 . I77 B 14 ? 0.13442 0.13417 0.25241 -0.00218 0.03590  0.02475  14  I77 B N01 
496 N N07 . I77 B 14 ? 0.10241 0.09562 0.21577 0.02125  0.05288  0.05602  14  I77 B N07 
497 N N10 . I77 B 14 ? 0.11633 0.13701 0.23526 0.03372  0.06149  0.07904  14  I77 B N10 
498 N N14 . I77 B 14 ? 0.11401 0.14109 0.21010 0.05446  0.05131  0.07072  14  I77 B N14 
499 N N15 . I77 B 14 ? 0.10183 0.12718 0.17700 0.05125  0.04780  0.05677  14  I77 B N15 
500 O O16 . I77 B 14 ? 0.14018 0.16778 0.24654 0.05872  0.06460  0.08551  14  I77 B O16 
501 O O19 . I77 B 14 ? 0.11843 0.11408 0.23039 0.01095  0.03185  0.02000  14  I77 B O19 
512 N N   . CCN C .  ? 0.10380 0.16025 0.12335 0.01098  0.00444  0.00662  101 CCN A N   
513 C C1  . CCN C .  ? 0.10232 0.16071 0.12297 0.00997  -0.00613 0.01206  101 CCN A C1  
514 C C2  . CCN C .  ? 0.11016 0.17714 0.13890 0.00242  -0.00553 0.01606  101 CCN A C2  
518 N N   . CCN D .  ? 0.29976 0.13532 0.40633 0.01408  -0.13496 0.02999  102 CCN A N   
519 C C1  . CCN D .  ? 0.30781 0.14291 0.41658 0.01122  -0.14299 0.03841  102 CCN A C1  
520 C C2  . CCN D .  ? 0.31327 0.14419 0.42475 0.00861  -0.14587 0.03895  102 CCN A C2  
524 N N   . CCN E .  ? 0.05877 0.04716 0.10157 0.00536  0.01252  0.03462  101 CCN B N   
525 C C1  . CCN E .  ? 0.07008 0.04246 0.06696 0.00665  0.00782  0.02052  101 CCN B C1  
526 C C2  . CCN E .  ? 0.07662 0.06480 0.07288 -0.00188 -0.00463 0.01708  101 CCN B C2  
530 N N   . CCN F .  ? 0.06874 0.09276 0.11320 0.01291  0.01717  0.05994  102 CCN B N   
531 C C1  . CCN F .  ? 0.07011 0.05795 0.10544 0.00712  0.00282  0.03911  102 CCN B C1  
532 C C2  . CCN F .  ? 0.08720 0.05566 0.11934 0.00985  0.00496  0.00889  102 CCN B C2  
536 O O   . HOH G .  ? 0.22368 0.20225 0.62347 0.05448  -0.00090 0.02754  201 HOH A O   
537 O O   . HOH G .  ? 0.64926 0.55608 0.67456 -0.22781 0.17201  0.21286  202 HOH A O   
538 O O   . HOH G .  ? 0.09744 0.12786 0.16380 0.00471  -0.02577 0.01537  203 HOH A O   
539 O O   . HOH G .  ? 0.40708 0.42871 0.64221 0.01729  0.08953  0.29328  204 HOH A O   
540 O O   . HOH G .  ? 0.43241 0.38762 0.64907 -0.00808 0.28142  0.10173  205 HOH A O   
541 O O   . HOH G .  ? 0.15934 0.31805 0.39110 0.11129  0.01225  0.02023  206 HOH A O   
542 O O   . HOH G .  ? 0.08493 0.05106 0.15700 -0.01015 0.04259  0.00009  207 HOH A O   
543 O O   . HOH G .  ? 0.49141 0.45453 0.47387 0.14834  -0.17617 0.13749  208 HOH A O   
544 O O   . HOH G .  ? 0.29769 0.59304 0.59096 -0.08381 -0.19730 -0.06105 209 HOH A O   
545 O O   . HOH H .  ? 0.33528 0.44871 0.41031 0.13793  -0.14205 0.09692  201 HOH B O   
546 O O   . HOH H .  ? 0.66539 0.21484 0.66787 0.08803  0.02352  -0.10838 202 HOH B O   
547 O O   . HOH H .  ? 0.06308 0.12722 0.12830 0.00549  0.01753  -0.03576 203 HOH B O   
548 O O   . HOH H .  ? 0.66210 0.54090 0.52460 -0.14172 0.29746  0.05891  204 HOH B O   
549 O O   . HOH H .  ? 0.11604 0.39221 0.15815 0.05647  0.00930  -0.02511 205 HOH B O   
550 O O   . HOH H .  ? 0.22587 0.39358 0.49365 0.09190  -0.11066 0.07471  206 HOH B O   
551 O O   . HOH H .  ? 0.08339 0.15241 0.07830 0.00397  0.01508  0.02676  207 HOH B O   
552 O O   . HOH H .  ? 0.08459 0.29415 0.13666 -0.01697 0.01281  -0.07563 208 HOH B O   
553 O O   . HOH H .  ? 0.23934 0.44601 0.40455 0.12749  -0.11611 -0.20654 209 HOH B O   
554 O O   . HOH H .  ? 0.48599 0.43288 0.64553 -0.14761 0.23170  0.07314  210 HOH B O   
# 
